data_6J3I
#
_entry.id   6J3I
#
_cell.length_a   96.352
_cell.length_b   113.209
_cell.length_c   116.756
_cell.angle_alpha   90.00
_cell.angle_beta   90.00
_cell.angle_gamma   90.00
#
_symmetry.space_group_name_H-M   'P 21 21 21'
#
loop_
_entity.id
_entity.type
_entity.pdbx_description
1 polymer Gamma-glutamyltranspeptidase
2 water water
#
_entity_poly.entity_id   1
_entity_poly.type   'polypeptide(L)'
_entity_poly.pdbx_seq_one_letter_code
;MFTTRPTLQGTFGMVSSTHWLASQSAMAVLEDGGNAYDAAVAGAFVLHVVEPHLNGPAGEVPILLAPAGGEVRVLCGQGV
APAGATVAHYKGLGLDLVPGTGPLAAAVPGAFDAWMLLLRDHGTKPLADVLKYAVGYAEHGHAPVENVGVTVETVRELFE
TEWTTSADVYLPGGKAPRPGELLRNPTLAATWKRLLAEVAGAGDREAQIEAAREVWRTGFIAEALVRQARRPTMDTSGER
HTGTLTAADLAGWSATYEAPATYDWNGWTVCKAGPWSQGPVLLQQLALLPPELPEYGSADYVHLLVEGCKLAMADREAWY
GDAAEVPLDELLSAEYNAGRRELVGDKASHELRPGSPGGRTARLSAHADLVATGEPGFDPLGAGEPTAAMGAGEPTVAKL
PASPVPGEPDVAADGSTRGDACHLDVVDRWGNMVAATPSGGWLQSNPVVPELGFPLGTRLQMTWLEEGLPNSLTPGRRPR
TTLTPSIALRDGIPVMAFGTPGGDQQDQWQLHFFLAVALRARVRGGLDLQGAIDAPNWHNDSFPGSFYPRGMRPGSVTVE
ARMDPGIAAELRRRGHEVTVGPPWSEGRLCAVARDPRTGILSAAANPRGMQGYAVGR
;
_entity_poly.pdbx_strand_id   A,B
#
# COMPACT_ATOMS: atom_id res chain seq x y z
N MET A 1 47.73 6.63 -9.85
CA MET A 1 47.74 5.76 -8.63
C MET A 1 46.48 4.88 -8.57
N PHE A 2 46.69 3.56 -8.69
CA PHE A 2 45.61 2.56 -8.71
C PHE A 2 44.76 2.57 -7.43
N THR A 3 43.45 2.53 -7.61
CA THR A 3 42.48 2.28 -6.53
C THR A 3 41.54 1.14 -6.95
N THR A 4 41.14 0.35 -5.97
CA THR A 4 40.39 -0.89 -6.20
C THR A 4 39.03 -0.65 -6.87
N ARG A 5 38.46 0.51 -6.60
CA ARG A 5 37.27 1.00 -7.28
C ARG A 5 37.57 2.44 -7.64
N PRO A 6 36.74 3.05 -8.50
CA PRO A 6 36.84 4.49 -8.65
C PRO A 6 36.25 5.17 -7.43
N THR A 7 36.66 6.40 -7.16
CA THR A 7 35.83 7.28 -6.37
C THR A 7 34.78 7.76 -7.37
N LEU A 8 33.59 7.18 -7.28
CA LEU A 8 32.48 7.46 -8.23
C LEU A 8 32.14 8.93 -8.16
N GLN A 9 31.70 9.50 -9.28
CA GLN A 9 31.33 10.93 -9.35
C GLN A 9 30.04 11.08 -10.14
N GLY A 10 29.15 11.94 -9.70
CA GLY A 10 27.84 12.04 -10.31
C GLY A 10 27.00 13.18 -9.82
N THR A 11 25.73 13.17 -10.24
CA THR A 11 24.80 14.28 -9.99
C THR A 11 23.39 13.90 -9.54
N PHE A 12 23.13 12.61 -9.35
CA PHE A 12 21.80 12.12 -8.98
C PHE A 12 21.73 11.57 -7.54
N GLY A 13 22.75 10.83 -7.13
CA GLY A 13 22.79 10.32 -5.78
C GLY A 13 23.90 9.31 -5.59
N MET A 14 24.32 9.13 -4.35
CA MET A 14 25.37 8.18 -4.01
C MET A 14 25.00 7.42 -2.76
N VAL A 15 25.38 6.14 -2.75
CA VAL A 15 25.22 5.29 -1.59
C VAL A 15 26.53 4.52 -1.35
N SER A 16 26.93 4.47 -0.09
CA SER A 16 28.03 3.61 0.36
C SER A 16 27.58 2.83 1.59
N SER A 17 27.88 1.53 1.57
CA SER A 17 27.50 0.63 2.65
C SER A 17 28.46 -0.55 2.69
N THR A 18 28.30 -1.35 3.73
CA THR A 18 29.10 -2.56 3.96
C THR A 18 28.53 -3.81 3.27
N HIS A 19 27.52 -3.63 2.42
CA HIS A 19 27.00 -4.73 1.61
C HIS A 19 26.29 -4.20 0.36
N TRP A 20 26.71 -4.70 -0.80
CA TRP A 20 26.22 -4.24 -2.10
C TRP A 20 24.70 -4.34 -2.23
N LEU A 21 24.10 -5.37 -1.66
CA LEU A 21 22.63 -5.54 -1.72
C LEU A 21 21.90 -4.37 -1.08
N ALA A 22 22.39 -3.93 0.07
CA ALA A 22 21.85 -2.76 0.76
C ALA A 22 22.05 -1.48 -0.04
N SER A 23 23.27 -1.26 -0.55
CA SER A 23 23.58 -0.06 -1.32
C SER A 23 22.66 0.12 -2.52
N GLN A 24 22.51 -0.94 -3.31
CA GLN A 24 21.65 -0.90 -4.51
C GLN A 24 20.17 -0.81 -4.17
N SER A 25 19.76 -1.39 -3.05
CA SER A 25 18.38 -1.25 -2.55
C SER A 25 18.06 0.20 -2.13
N ALA A 26 19.00 0.84 -1.42
CA ALA A 26 18.88 2.26 -1.08
C ALA A 26 18.88 3.15 -2.33
N MET A 27 19.71 2.78 -3.32
CA MET A 27 19.78 3.52 -4.59
C MET A 27 18.51 3.37 -5.43
N ALA A 28 17.93 2.17 -5.44
CA ALA A 28 16.61 1.97 -6.05
C ALA A 28 15.54 2.95 -5.49
N VAL A 29 15.63 3.28 -4.20
CA VAL A 29 14.73 4.26 -3.60
C VAL A 29 14.93 5.65 -4.22
N LEU A 30 16.19 6.09 -4.27
CA LEU A 30 16.55 7.33 -4.98
C LEU A 30 16.07 7.35 -6.45
N GLU A 31 16.20 6.22 -7.15
CA GLU A 31 15.75 6.09 -8.54
C GLU A 31 14.23 6.17 -8.70
N ASP A 32 13.51 5.86 -7.63
CA ASP A 32 12.06 6.01 -7.55
C ASP A 32 11.59 7.35 -6.93
N GLY A 33 12.46 8.36 -6.92
CA GLY A 33 12.12 9.69 -6.40
C GLY A 33 12.24 9.91 -4.90
N GLY A 34 12.67 8.89 -4.14
CA GLY A 34 12.88 9.04 -2.69
C GLY A 34 14.07 9.94 -2.39
N ASN A 35 14.22 10.32 -1.12
CA ASN A 35 15.36 11.13 -0.66
C ASN A 35 16.39 10.27 0.11
N ALA A 36 17.45 10.89 0.62
CA ALA A 36 18.50 10.17 1.34
C ALA A 36 18.00 9.37 2.54
N TYR A 37 16.99 9.90 3.22
CA TYR A 37 16.44 9.33 4.45
C TYR A 37 15.53 8.15 4.12
N ASP A 38 14.70 8.29 3.09
CA ASP A 38 13.96 7.15 2.54
C ASP A 38 14.93 6.01 2.21
N ALA A 39 16.03 6.36 1.57
CA ALA A 39 16.98 5.38 1.06
C ALA A 39 17.70 4.63 2.16
N ALA A 40 18.13 5.36 3.17
CA ALA A 40 18.77 4.79 4.34
C ALA A 40 17.87 3.80 5.09
N VAL A 41 16.62 4.20 5.31
CA VAL A 41 15.65 3.31 5.96
C VAL A 41 15.58 1.99 5.18
N ALA A 42 15.38 2.06 3.87
CA ALA A 42 15.34 0.86 3.02
C ALA A 42 16.60 -0.02 3.10
N GLY A 43 17.76 0.63 2.97
CA GLY A 43 19.07 -0.02 3.12
C GLY A 43 19.29 -0.69 4.46
N ALA A 44 18.94 0.02 5.53
CA ALA A 44 18.95 -0.51 6.91
C ALA A 44 18.23 -1.84 7.08
N PHE A 45 17.02 -1.96 6.54
CA PHE A 45 16.22 -3.17 6.69
C PHE A 45 16.71 -4.32 5.81
N VAL A 46 17.25 -3.99 4.64
CA VAL A 46 18.00 -4.97 3.84
C VAL A 46 19.26 -5.44 4.59
N LEU A 47 19.95 -4.51 5.28
CA LEU A 47 21.13 -4.86 6.10
C LEU A 47 20.84 -5.91 7.19
N HIS A 48 19.67 -5.83 7.81
CA HIS A 48 19.26 -6.88 8.78
C HIS A 48 19.24 -8.25 8.10
N VAL A 49 18.75 -8.29 6.86
CA VAL A 49 18.60 -9.54 6.14
C VAL A 49 19.94 -10.09 5.65
N VAL A 50 20.85 -9.20 5.26
CA VAL A 50 22.09 -9.62 4.56
C VAL A 50 23.34 -9.64 5.44
N GLU A 51 23.27 -9.00 6.61
CA GLU A 51 24.33 -9.07 7.61
C GLU A 51 23.73 -9.38 8.99
N PRO A 52 22.98 -10.50 9.11
CA PRO A 52 22.38 -10.88 10.41
C PRO A 52 23.38 -11.28 11.49
N HIS A 53 24.57 -11.68 11.06
CA HIS A 53 25.77 -11.82 11.91
C HIS A 53 26.39 -10.53 12.47
N LEU A 54 25.96 -9.36 11.98
CA LEU A 54 26.50 -8.05 12.41
C LEU A 54 25.45 -7.00 12.79
N ASN A 55 24.19 -7.20 12.44
CA ASN A 55 23.09 -6.36 12.93
C ASN A 55 21.76 -7.11 12.89
N GLY A 56 20.69 -6.42 13.27
CA GLY A 56 19.37 -7.02 13.35
C GLY A 56 18.34 -5.99 13.76
N PRO A 57 17.04 -6.27 13.55
CA PRO A 57 15.97 -5.33 13.88
C PRO A 57 15.86 -4.92 15.36
N ALA A 58 16.33 -5.77 16.28
CA ALA A 58 16.29 -5.47 17.71
C ALA A 58 17.61 -4.89 18.26
N GLY A 59 18.51 -4.51 17.36
CA GLY A 59 19.74 -3.83 17.76
C GLY A 59 19.52 -2.34 17.97
N GLU A 60 20.52 -1.54 17.57
CA GLU A 60 20.58 -0.11 17.85
C GLU A 60 21.24 0.61 16.69
N VAL A 61 21.11 1.93 16.67
CA VAL A 61 21.66 2.75 15.59
C VAL A 61 21.77 4.24 15.98
N PRO A 62 22.99 4.82 15.91
CA PRO A 62 23.14 6.26 15.80
C PRO A 62 23.03 6.70 14.33
N ILE A 63 22.32 7.80 14.10
CA ILE A 63 22.15 8.38 12.77
C ILE A 63 22.55 9.85 12.89
N LEU A 64 23.43 10.29 12.00
CA LEU A 64 23.73 11.71 11.82
C LEU A 64 23.03 12.11 10.54
N LEU A 65 22.23 13.18 10.58
CA LEU A 65 21.58 13.69 9.38
C LEU A 65 21.97 15.14 9.16
N ALA A 66 22.25 15.47 7.90
CA ALA A 66 22.62 16.81 7.48
C ALA A 66 21.68 17.20 6.34
N PRO A 67 20.45 17.68 6.69
CA PRO A 67 19.51 18.10 5.65
C PRO A 67 20.08 19.30 4.90
N ALA A 68 19.74 19.42 3.61
CA ALA A 68 20.44 20.32 2.68
C ALA A 68 20.60 21.74 3.21
N GLY A 69 19.49 22.36 3.61
CA GLY A 69 19.53 23.66 4.26
C GLY A 69 20.20 23.66 5.63
N GLY A 70 19.57 22.99 6.59
CA GLY A 70 19.73 23.28 8.02
C GLY A 70 20.84 22.64 8.84
N GLU A 71 20.48 22.29 10.08
CA GLU A 71 21.44 21.87 11.11
C GLU A 71 21.79 20.39 11.01
N VAL A 72 23.08 20.09 11.22
CA VAL A 72 23.53 18.72 11.47
C VAL A 72 22.93 18.27 12.80
N ARG A 73 22.33 17.08 12.78
CA ARG A 73 21.56 16.58 13.90
C ARG A 73 21.80 15.09 14.11
N VAL A 74 21.79 14.67 15.37
CA VAL A 74 21.93 13.26 15.75
C VAL A 74 20.55 12.70 16.03
N LEU A 75 20.29 11.49 15.52
CA LEU A 75 19.11 10.73 15.93
C LEU A 75 19.58 9.49 16.67
N CYS A 76 19.27 9.47 17.97
CA CYS A 76 19.77 8.47 18.89
C CYS A 76 18.85 7.27 18.92
N GLY A 77 19.26 6.21 18.22
CA GLY A 77 18.58 4.92 18.30
C GLY A 77 19.31 3.91 19.16
N GLN A 78 20.05 4.40 20.15
CA GLN A 78 20.66 3.54 21.16
C GLN A 78 19.70 3.47 22.33
N GLY A 79 19.17 2.28 22.56
CA GLY A 79 18.27 2.05 23.68
C GLY A 79 18.96 2.01 25.03
N VAL A 80 18.13 1.99 26.07
CA VAL A 80 18.59 2.05 27.44
C VAL A 80 18.55 0.69 28.11
N ALA A 81 19.21 0.61 29.26
CA ALA A 81 19.08 -0.55 30.14
C ALA A 81 17.67 -0.54 30.74
N PRO A 82 17.09 -1.73 30.98
CA PRO A 82 15.78 -1.84 31.64
C PRO A 82 15.73 -1.24 33.02
N ALA A 83 14.53 -0.91 33.48
CA ALA A 83 14.31 -0.40 34.84
C ALA A 83 14.90 -1.33 35.92
N GLY A 84 14.73 -2.64 35.76
CA GLY A 84 15.27 -3.63 36.70
C GLY A 84 16.73 -4.04 36.52
N ALA A 85 17.45 -3.41 35.59
CA ALA A 85 18.84 -3.76 35.30
C ALA A 85 19.82 -2.95 36.13
N THR A 86 19.90 -3.27 37.43
CA THR A 86 20.80 -2.60 38.38
C THR A 86 22.08 -3.41 38.53
N VAL A 87 23.16 -2.75 38.96
CA VAL A 87 24.39 -3.44 39.30
C VAL A 87 24.09 -4.50 40.37
N ALA A 88 23.35 -4.11 41.39
CA ALA A 88 23.06 -4.99 42.53
C ALA A 88 22.41 -6.30 42.06
N HIS A 89 21.45 -6.18 41.16
CA HIS A 89 20.77 -7.36 40.60
C HIS A 89 21.71 -8.31 39.87
N TYR A 90 22.55 -7.75 38.99
CA TYR A 90 23.48 -8.56 38.20
C TYR A 90 24.56 -9.13 39.13
N LYS A 91 25.00 -8.32 40.10
CA LYS A 91 25.87 -8.79 41.17
C LYS A 91 25.26 -9.96 41.98
N GLY A 92 23.94 -9.93 42.17
CA GLY A 92 23.21 -10.99 42.87
C GLY A 92 23.18 -12.33 42.13
N LEU A 93 23.36 -12.29 40.82
CA LEU A 93 23.55 -13.48 40.00
C LEU A 93 25.01 -13.99 39.98
N GLY A 94 25.87 -13.40 40.79
CA GLY A 94 27.26 -13.82 40.92
C GLY A 94 28.14 -13.43 39.75
N LEU A 95 27.74 -12.37 39.05
CA LEU A 95 28.44 -11.90 37.87
C LEU A 95 29.42 -10.78 38.23
N ASP A 96 30.59 -10.81 37.61
CA ASP A 96 31.61 -9.74 37.71
C ASP A 96 31.60 -8.83 36.47
N LEU A 97 31.27 -9.42 35.32
CA LEU A 97 31.03 -8.70 34.07
C LEU A 97 29.63 -9.00 33.57
N VAL A 98 29.08 -8.09 32.76
CA VAL A 98 27.84 -8.36 32.06
C VAL A 98 28.14 -9.43 31.00
N PRO A 99 27.27 -10.44 30.88
CA PRO A 99 27.56 -11.49 29.90
C PRO A 99 27.55 -11.00 28.45
N GLY A 100 28.36 -11.63 27.61
CA GLY A 100 28.45 -11.27 26.19
C GLY A 100 27.27 -11.76 25.37
N THR A 101 26.48 -12.67 25.95
CA THR A 101 25.29 -13.22 25.30
C THR A 101 24.10 -13.21 26.25
N GLY A 102 22.94 -13.57 25.71
CA GLY A 102 21.75 -13.82 26.52
C GLY A 102 20.97 -12.57 26.83
N PRO A 103 19.76 -12.73 27.42
CA PRO A 103 18.85 -11.59 27.64
C PRO A 103 19.32 -10.55 28.66
N LEU A 104 20.23 -10.91 29.57
CA LEU A 104 20.81 -9.93 30.51
C LEU A 104 21.65 -8.84 29.81
N ALA A 105 22.22 -9.17 28.65
CA ALA A 105 22.97 -8.19 27.84
C ALA A 105 22.11 -7.24 26.98
N ALA A 106 20.83 -7.55 26.80
CA ALA A 106 19.91 -6.77 25.96
C ALA A 106 19.55 -5.38 26.52
N ALA A 107 19.96 -4.32 25.81
CA ALA A 107 19.35 -3.00 26.00
C ALA A 107 17.94 -3.03 25.40
N VAL A 108 17.11 -2.05 25.74
CA VAL A 108 15.83 -1.86 25.03
C VAL A 108 16.16 -1.69 23.54
N PRO A 109 15.54 -2.47 22.65
CA PRO A 109 15.89 -2.31 21.23
C PRO A 109 15.57 -0.91 20.72
N GLY A 110 16.59 -0.22 20.22
CA GLY A 110 16.47 1.19 19.82
C GLY A 110 16.38 1.51 18.34
N ALA A 111 16.77 0.57 17.49
CA ALA A 111 16.97 0.84 16.07
C ALA A 111 15.69 1.03 15.28
N PHE A 112 14.69 0.22 15.55
CA PHE A 112 13.43 0.29 14.82
C PHE A 112 12.74 1.64 14.95
N ASP A 113 12.52 2.08 16.18
CA ASP A 113 11.91 3.40 16.42
C ASP A 113 12.67 4.56 15.75
N ALA A 114 13.99 4.47 15.75
CA ALA A 114 14.85 5.48 15.15
C ALA A 114 14.67 5.59 13.65
N TRP A 115 14.52 4.44 12.99
CA TRP A 115 14.28 4.43 11.54
C TRP A 115 12.90 5.02 11.23
N MET A 116 11.90 4.69 12.06
CA MET A 116 10.53 5.22 11.91
C MET A 116 10.48 6.73 12.08
N LEU A 117 11.19 7.24 13.08
CA LEU A 117 11.31 8.70 13.28
C LEU A 117 11.94 9.37 12.08
N LEU A 118 13.03 8.80 11.59
CA LEU A 118 13.71 9.31 10.41
C LEU A 118 12.75 9.31 9.22
N LEU A 119 12.01 8.23 9.08
CA LEU A 119 11.07 8.07 7.97
C LEU A 119 9.95 9.11 8.04
N ARG A 120 9.46 9.41 9.24
CA ARG A 120 8.28 10.27 9.37
C ARG A 120 8.61 11.77 9.40
N ASP A 121 9.74 12.15 9.99
CA ASP A 121 10.17 13.57 10.07
C ASP A 121 10.92 14.05 8.85
N HIS A 122 11.69 13.16 8.21
CA HIS A 122 12.54 13.54 7.07
C HIS A 122 12.32 12.74 5.80
N GLY A 123 11.48 11.73 5.84
CA GLY A 123 11.20 10.92 4.67
C GLY A 123 10.02 11.46 3.86
N THR A 124 9.89 10.89 2.67
CA THR A 124 8.76 11.14 1.75
C THR A 124 8.01 9.88 1.32
N LYS A 125 8.60 8.70 1.52
CA LYS A 125 7.99 7.45 1.10
C LYS A 125 7.27 6.75 2.26
N PRO A 126 6.24 5.95 1.95
CA PRO A 126 5.58 5.15 2.99
C PRO A 126 6.43 3.95 3.42
N LEU A 127 5.98 3.31 4.49
CA LEU A 127 6.72 2.22 5.12
C LEU A 127 6.80 1.03 4.16
N ALA A 128 5.67 0.65 3.58
CA ALA A 128 5.59 -0.48 2.65
C ALA A 128 6.58 -0.41 1.48
N ASP A 129 6.72 0.79 0.90
CA ASP A 129 7.59 0.99 -0.27
C ASP A 129 9.05 0.97 0.11
N VAL A 130 9.33 1.34 1.35
CA VAL A 130 10.70 1.49 1.81
C VAL A 130 11.25 0.17 2.34
N LEU A 131 10.41 -0.73 2.84
CA LEU A 131 10.91 -2.03 3.30
C LEU A 131 10.49 -3.26 2.47
N LYS A 132 9.92 -3.06 1.28
CA LYS A 132 9.69 -4.20 0.37
C LYS A 132 11.00 -4.91 -0.04
N TYR A 133 12.12 -4.18 -0.03
CA TYR A 133 13.42 -4.73 -0.42
C TYR A 133 13.86 -5.84 0.54
N ALA A 134 13.85 -5.51 1.84
CA ALA A 134 14.13 -6.49 2.91
C ALA A 134 13.19 -7.69 2.91
N VAL A 135 11.90 -7.41 2.72
CA VAL A 135 10.86 -8.45 2.71
C VAL A 135 11.13 -9.42 1.58
N GLY A 136 11.36 -8.89 0.38
CA GLY A 136 11.81 -9.69 -0.76
C GLY A 136 13.01 -10.61 -0.53
N TYR A 137 14.08 -10.07 0.04
CA TYR A 137 15.27 -10.87 0.36
C TYR A 137 15.07 -11.83 1.52
N ALA A 138 14.17 -11.49 2.44
CA ALA A 138 13.82 -12.40 3.54
C ALA A 138 13.04 -13.62 3.03
N GLU A 139 11.92 -13.40 2.33
CA GLU A 139 11.07 -14.53 1.93
C GLU A 139 11.58 -15.28 0.69
N HIS A 140 12.10 -14.56 -0.31
CA HIS A 140 12.60 -15.18 -1.57
C HIS A 140 14.08 -15.49 -1.61
N GLY A 141 14.84 -14.85 -0.72
CA GLY A 141 16.21 -15.22 -0.47
C GLY A 141 17.23 -14.33 -1.12
N HIS A 142 18.45 -14.49 -0.64
CA HIS A 142 19.63 -13.83 -1.18
C HIS A 142 20.81 -14.78 -1.01
N ALA A 143 21.80 -14.65 -1.88
CA ALA A 143 23.01 -15.46 -1.81
C ALA A 143 23.95 -14.84 -0.77
N PRO A 144 24.24 -15.58 0.32
CA PRO A 144 24.98 -14.98 1.41
C PRO A 144 26.50 -15.01 1.25
N VAL A 145 27.15 -14.09 1.94
CA VAL A 145 28.59 -14.08 2.09
C VAL A 145 28.98 -15.26 2.98
N GLU A 146 30.18 -15.79 2.80
CA GLU A 146 30.63 -16.95 3.59
C GLU A 146 30.63 -16.74 5.12
N ASN A 147 30.83 -15.49 5.58
CA ASN A 147 30.82 -15.16 7.01
C ASN A 147 29.52 -15.46 7.74
N VAL A 148 28.39 -15.46 7.03
CA VAL A 148 27.09 -15.79 7.63
C VAL A 148 27.07 -17.24 8.09
N GLY A 149 27.31 -18.14 7.16
CA GLY A 149 27.30 -19.58 7.45
C GLY A 149 28.39 -19.99 8.43
N VAL A 150 29.60 -19.45 8.24
CA VAL A 150 30.73 -19.68 9.14
C VAL A 150 30.38 -19.24 10.57
N THR A 151 29.68 -18.11 10.68
CA THR A 151 29.25 -17.61 11.98
C THR A 151 28.28 -18.59 12.64
N VAL A 152 27.30 -19.06 11.86
CA VAL A 152 26.31 -20.06 12.32
C VAL A 152 26.99 -21.36 12.77
N GLU A 153 27.94 -21.86 11.99
CA GLU A 153 28.66 -23.12 12.35
C GLU A 153 29.42 -23.02 13.65
N THR A 154 30.08 -21.89 13.87
CA THR A 154 30.80 -21.63 15.10
C THR A 154 29.91 -21.79 16.33
N VAL A 155 28.65 -21.42 16.17
CA VAL A 155 27.69 -21.35 17.25
C VAL A 155 26.67 -22.51 17.21
N ARG A 156 27.01 -23.58 16.50
CA ARG A 156 26.08 -24.68 16.22
C ARG A 156 25.67 -25.50 17.44
N GLU A 157 26.65 -25.91 18.26
CA GLU A 157 26.37 -26.69 19.49
C GLU A 157 25.38 -25.88 20.31
N LEU A 158 25.67 -24.62 20.55
CA LEU A 158 24.79 -23.73 21.29
C LEU A 158 23.36 -23.65 20.73
N PHE A 159 23.25 -23.59 19.41
CA PHE A 159 21.93 -23.56 18.74
C PHE A 159 21.16 -24.85 18.92
N GLU A 160 21.82 -25.98 18.62
CA GLU A 160 21.16 -27.29 18.65
C GLU A 160 20.77 -27.73 20.04
N THR A 161 21.57 -27.30 20.99
CA THR A 161 21.61 -27.83 22.34
C THR A 161 20.82 -26.96 23.32
N GLU A 162 20.57 -25.70 22.94
CA GLU A 162 20.25 -24.66 23.90
C GLU A 162 19.31 -23.66 23.24
N TRP A 163 19.80 -22.95 22.23
CA TRP A 163 19.00 -21.91 21.56
C TRP A 163 18.32 -22.50 20.33
N THR A 164 17.40 -23.44 20.56
CA THR A 164 16.79 -24.23 19.49
C THR A 164 15.94 -23.39 18.52
N THR A 165 15.47 -22.24 18.99
CA THR A 165 14.70 -21.34 18.14
C THR A 165 15.59 -20.76 17.03
N SER A 166 16.85 -20.50 17.36
CA SER A 166 17.86 -20.09 16.37
C SER A 166 18.24 -21.24 15.41
N ALA A 167 18.27 -22.46 15.93
CA ALA A 167 18.42 -23.65 15.09
C ALA A 167 17.26 -23.83 14.08
N ASP A 168 16.04 -23.51 14.49
CA ASP A 168 14.87 -23.56 13.59
C ASP A 168 15.04 -22.67 12.36
N VAL A 169 15.61 -21.48 12.58
CA VAL A 169 15.79 -20.48 11.53
C VAL A 169 17.10 -20.69 10.74
N TYR A 170 18.21 -20.84 11.44
CA TYR A 170 19.55 -20.90 10.81
C TYR A 170 20.10 -22.29 10.56
N LEU A 171 19.51 -23.31 11.17
CA LEU A 171 19.91 -24.72 10.94
C LEU A 171 18.74 -25.61 10.49
N PRO A 172 17.97 -25.17 9.47
CA PRO A 172 16.84 -25.99 9.00
C PRO A 172 17.30 -27.37 8.52
N GLY A 173 16.83 -28.42 9.19
CA GLY A 173 17.26 -29.79 8.93
C GLY A 173 18.73 -30.06 9.24
N GLY A 174 19.30 -29.27 10.14
CA GLY A 174 20.74 -29.27 10.43
C GLY A 174 21.65 -28.57 9.42
N LYS A 175 21.07 -27.97 8.38
CA LYS A 175 21.82 -27.37 7.28
C LYS A 175 22.09 -25.87 7.52
N ALA A 176 23.36 -25.52 7.68
CA ALA A 176 23.78 -24.12 7.82
C ALA A 176 23.71 -23.36 6.46
N PRO A 177 23.62 -22.01 6.51
CA PRO A 177 23.65 -21.23 5.26
C PRO A 177 24.94 -21.44 4.48
N ARG A 178 24.83 -21.44 3.16
CA ARG A 178 25.99 -21.62 2.30
C ARG A 178 26.03 -20.59 1.23
N PRO A 179 27.24 -20.18 0.84
CA PRO A 179 27.30 -19.27 -0.29
C PRO A 179 26.84 -19.95 -1.57
N GLY A 180 26.22 -19.16 -2.44
CA GLY A 180 25.74 -19.65 -3.74
C GLY A 180 24.40 -20.38 -3.70
N GLU A 181 23.76 -20.39 -2.53
CA GLU A 181 22.37 -20.82 -2.39
C GLU A 181 21.58 -19.74 -1.68
N LEU A 182 20.28 -19.75 -1.94
CA LEU A 182 19.37 -18.77 -1.36
C LEU A 182 19.11 -19.04 0.12
N LEU A 183 19.57 -18.10 0.95
CA LEU A 183 19.27 -18.05 2.37
C LEU A 183 17.98 -17.27 2.58
N ARG A 184 17.03 -17.86 3.30
CA ARG A 184 15.77 -17.18 3.63
C ARG A 184 15.50 -17.15 5.12
N ASN A 185 14.66 -16.20 5.49
CA ASN A 185 14.09 -16.10 6.82
C ASN A 185 12.60 -15.78 6.61
N PRO A 186 11.78 -16.82 6.34
CA PRO A 186 10.34 -16.60 6.12
C PRO A 186 9.60 -15.98 7.31
N THR A 187 10.08 -16.23 8.52
CA THR A 187 9.48 -15.67 9.72
C THR A 187 9.70 -14.15 9.83
N LEU A 188 10.92 -13.68 9.60
CA LEU A 188 11.21 -12.24 9.55
C LEU A 188 10.37 -11.55 8.46
N ALA A 189 10.29 -12.18 7.30
CA ALA A 189 9.38 -11.74 6.22
C ALA A 189 7.94 -11.58 6.71
N ALA A 190 7.43 -12.60 7.39
CA ALA A 190 6.06 -12.57 7.94
C ALA A 190 5.83 -11.42 8.93
N THR A 191 6.80 -11.23 9.82
CA THR A 191 6.76 -10.16 10.83
C THR A 191 6.50 -8.78 10.22
N TRP A 192 7.27 -8.43 9.20
CA TRP A 192 7.09 -7.14 8.51
C TRP A 192 5.79 -7.03 7.72
N LYS A 193 5.40 -8.13 7.08
CA LYS A 193 4.14 -8.17 6.34
C LYS A 193 2.96 -7.93 7.27
N ARG A 194 2.97 -8.60 8.43
CA ARG A 194 1.95 -8.42 9.44
C ARG A 194 1.98 -6.99 9.97
N LEU A 195 3.18 -6.47 10.21
CA LEU A 195 3.37 -5.10 10.65
C LEU A 195 2.71 -4.16 9.66
N LEU A 196 3.00 -4.37 8.39
CA LEU A 196 2.47 -3.55 7.31
C LEU A 196 0.97 -3.69 7.12
N ALA A 197 0.45 -4.90 7.30
CA ALA A 197 -0.98 -5.16 7.15
C ALA A 197 -1.82 -4.47 8.24
N GLU A 198 -1.38 -4.55 9.50
CA GLU A 198 -2.14 -3.95 10.60
C GLU A 198 -1.86 -2.45 10.83
N VAL A 199 -0.97 -1.87 10.03
CA VAL A 199 -0.71 -0.42 10.00
C VAL A 199 -1.27 0.29 8.75
N ALA A 200 -1.64 -0.50 7.73
CA ALA A 200 -2.09 0.03 6.43
C ALA A 200 -3.25 1.02 6.50
N GLY A 201 -4.30 0.66 7.25
CA GLY A 201 -5.48 1.52 7.40
C GLY A 201 -5.40 2.67 8.41
N ALA A 202 -4.21 2.91 8.97
CA ALA A 202 -4.04 3.85 10.09
C ALA A 202 -4.24 5.34 9.75
N GLY A 203 -4.26 5.69 8.45
CA GLY A 203 -4.51 7.06 8.00
C GLY A 203 -3.50 7.48 6.97
N ASP A 204 -3.06 8.74 7.05
CA ASP A 204 -2.05 9.27 6.13
C ASP A 204 -0.67 8.63 6.38
N ARG A 205 0.25 8.95 5.48
CA ARG A 205 1.61 8.43 5.48
C ARG A 205 2.29 8.37 6.86
N GLU A 206 2.32 9.49 7.58
CA GLU A 206 3.01 9.54 8.89
C GLU A 206 2.23 8.79 9.99
N ALA A 207 0.90 8.82 9.92
CA ALA A 207 0.05 8.08 10.86
C ALA A 207 0.32 6.57 10.83
N GLN A 208 0.64 6.07 9.64
CA GLN A 208 1.02 4.67 9.44
C GLN A 208 2.30 4.34 10.18
N ILE A 209 3.31 5.19 9.97
CA ILE A 209 4.61 5.05 10.60
C ILE A 209 4.47 5.11 12.13
N GLU A 210 3.77 6.12 12.63
CA GLU A 210 3.48 6.28 14.06
C GLU A 210 2.77 5.06 14.67
N ALA A 211 1.83 4.48 13.94
CA ALA A 211 1.16 3.23 14.38
C ALA A 211 2.09 2.01 14.33
N ALA A 212 3.06 2.03 13.42
CA ALA A 212 4.11 1.01 13.37
C ALA A 212 5.06 1.10 14.54
N ARG A 213 5.32 2.32 15.01
CA ARG A 213 6.12 2.53 16.21
C ARG A 213 5.46 1.85 17.40
N GLU A 214 4.14 1.99 17.50
CA GLU A 214 3.37 1.39 18.60
C GLU A 214 3.22 -0.12 18.49
N VAL A 215 3.15 -0.64 17.26
CA VAL A 215 3.15 -2.10 17.06
C VAL A 215 4.45 -2.70 17.61
N TRP A 216 5.58 -2.05 17.30
CA TRP A 216 6.87 -2.46 17.85
C TRP A 216 6.84 -2.38 19.37
N ARG A 217 6.51 -1.19 19.86
CA ARG A 217 6.50 -0.84 21.31
C ARG A 217 5.54 -1.60 22.24
N THR A 218 4.29 -1.76 21.82
CA THR A 218 3.22 -2.31 22.67
C THR A 218 2.43 -3.49 22.09
N GLY A 219 2.60 -3.75 20.78
CA GLY A 219 1.83 -4.76 20.08
C GLY A 219 2.55 -6.09 20.04
N PHE A 220 2.32 -6.85 18.97
CA PHE A 220 2.74 -8.25 18.89
C PHE A 220 4.26 -8.45 18.91
N ILE A 221 5.00 -7.47 18.42
CA ILE A 221 6.45 -7.51 18.45
C ILE A 221 6.95 -7.44 19.90
N ALA A 222 6.53 -6.39 20.62
CA ALA A 222 6.86 -6.21 22.05
C ALA A 222 6.51 -7.42 22.93
N GLU A 223 5.29 -7.93 22.76
CA GLU A 223 4.85 -9.13 23.49
C GLU A 223 5.86 -10.27 23.37
N ALA A 224 6.25 -10.56 22.14
CA ALA A 224 7.20 -11.64 21.86
C ALA A 224 8.60 -11.42 22.47
N LEU A 225 9.09 -10.18 22.41
CA LEU A 225 10.43 -9.85 22.90
C LEU A 225 10.52 -10.11 24.41
N VAL A 226 9.57 -9.53 25.16
CA VAL A 226 9.48 -9.67 26.62
C VAL A 226 9.35 -11.13 27.05
N ARG A 227 8.50 -11.85 26.34
CA ARG A 227 8.28 -13.28 26.56
C ARG A 227 9.61 -14.05 26.40
N GLN A 228 10.32 -13.77 25.31
CA GLN A 228 11.65 -14.35 25.07
C GLN A 228 12.66 -13.93 26.13
N ALA A 229 12.66 -12.63 26.47
CA ALA A 229 13.61 -12.08 27.45
C ALA A 229 13.47 -12.76 28.80
N ARG A 230 12.23 -13.13 29.14
CA ARG A 230 11.91 -13.80 30.41
C ARG A 230 12.03 -15.34 30.42
N ARG A 231 12.41 -15.94 29.30
CA ARG A 231 12.69 -17.38 29.23
C ARG A 231 14.14 -17.65 29.63
N PRO A 232 14.38 -18.56 30.61
CA PRO A 232 15.75 -18.93 31.03
C PRO A 232 16.63 -19.34 29.86
N THR A 233 17.76 -18.66 29.70
CA THR A 233 18.55 -18.76 28.48
C THR A 233 20.04 -18.83 28.82
N MET A 234 20.66 -19.94 28.45
CA MET A 234 22.10 -20.13 28.61
C MET A 234 22.86 -18.95 28.07
N ASP A 235 23.85 -18.48 28.82
CA ASP A 235 24.70 -17.39 28.38
C ASP A 235 26.19 -17.72 28.56
N THR A 236 27.05 -16.71 28.40
CA THR A 236 28.49 -16.88 28.48
C THR A 236 28.99 -17.32 29.86
N SER A 237 28.25 -16.96 30.91
CA SER A 237 28.57 -17.38 32.27
C SER A 237 28.50 -18.90 32.52
N GLY A 238 27.76 -19.63 31.67
CA GLY A 238 27.56 -21.07 31.83
C GLY A 238 26.27 -21.49 32.53
N GLU A 239 25.52 -20.50 33.02
CA GLU A 239 24.22 -20.68 33.67
C GLU A 239 23.13 -20.10 32.78
N ARG A 240 21.92 -20.60 32.94
CA ARG A 240 20.74 -20.03 32.27
C ARG A 240 20.17 -18.90 33.11
N HIS A 241 20.18 -17.70 32.53
CA HIS A 241 19.66 -16.51 33.18
C HIS A 241 18.46 -15.98 32.43
N THR A 242 17.75 -15.08 33.10
CA THR A 242 16.55 -14.45 32.59
C THR A 242 16.79 -12.95 32.51
N GLY A 243 16.13 -12.28 31.58
CA GLY A 243 16.24 -10.83 31.43
C GLY A 243 15.23 -10.10 32.31
N THR A 244 15.59 -8.88 32.72
CA THR A 244 14.71 -8.02 33.52
C THR A 244 13.77 -7.15 32.67
N LEU A 245 14.10 -7.04 31.39
CA LEU A 245 13.26 -6.40 30.35
C LEU A 245 11.76 -6.63 30.53
N THR A 246 10.99 -5.58 30.33
CA THR A 246 9.60 -5.52 30.75
C THR A 246 8.75 -4.84 29.65
N ALA A 247 7.45 -5.14 29.61
CA ALA A 247 6.50 -4.49 28.70
C ALA A 247 6.57 -2.95 28.78
N ALA A 248 6.55 -2.45 30.02
CA ALA A 248 6.73 -1.02 30.34
C ALA A 248 8.03 -0.35 29.85
N ASP A 249 9.19 -1.03 29.99
CA ASP A 249 10.48 -0.53 29.47
C ASP A 249 10.32 -0.19 28.00
N LEU A 250 9.76 -1.13 27.23
CA LEU A 250 9.49 -0.94 25.81
C LEU A 250 8.47 0.15 25.54
N ALA A 251 7.34 0.12 26.26
CA ALA A 251 6.25 1.10 26.06
C ALA A 251 6.70 2.55 26.29
N GLY A 252 7.60 2.74 27.25
CA GLY A 252 8.10 4.08 27.60
C GLY A 252 9.14 4.67 26.66
N TRP A 253 9.91 3.84 25.97
CA TRP A 253 11.13 4.30 25.29
C TRP A 253 10.92 4.75 23.84
N SER A 254 11.53 5.88 23.50
CA SER A 254 11.55 6.44 22.14
C SER A 254 12.97 6.83 21.76
N ALA A 255 13.23 6.80 20.45
CA ALA A 255 14.44 7.40 19.89
C ALA A 255 14.29 8.90 19.98
N THR A 256 15.40 9.58 20.26
CA THR A 256 15.45 11.03 20.47
C THR A 256 16.45 11.74 19.56
N TYR A 257 16.19 13.03 19.32
CA TYR A 257 17.12 13.91 18.61
C TYR A 257 18.04 14.63 19.56
N GLU A 258 19.24 14.94 19.09
CA GLU A 258 20.13 15.82 19.85
C GLU A 258 21.18 16.45 18.95
N ALA A 259 21.82 17.48 19.48
CA ALA A 259 22.92 18.15 18.81
C ALA A 259 24.11 17.21 18.75
N PRO A 260 24.93 17.32 17.71
CA PRO A 260 26.14 16.52 17.69
C PRO A 260 27.18 17.06 18.64
N ALA A 261 28.18 16.24 18.94
CA ALA A 261 29.45 16.74 19.44
C ALA A 261 30.23 17.07 18.19
N THR A 262 30.87 18.24 18.18
CA THR A 262 31.60 18.76 17.03
C THR A 262 32.99 19.22 17.48
N TYR A 263 33.93 19.25 16.54
CA TYR A 263 35.26 19.82 16.78
C TYR A 263 35.85 20.38 15.49
N ASP A 264 36.13 21.69 15.50
CA ASP A 264 36.78 22.37 14.38
C ASP A 264 38.27 22.03 14.33
N TRP A 265 38.73 21.62 13.15
CA TRP A 265 40.15 21.33 12.92
C TRP A 265 40.50 21.67 11.48
N ASN A 266 41.52 22.52 11.33
CA ASN A 266 42.19 22.76 10.05
C ASN A 266 41.25 23.06 8.87
N GLY A 267 40.24 23.88 9.12
CA GLY A 267 39.25 24.23 8.09
C GLY A 267 38.02 23.33 8.04
N TRP A 268 38.12 22.15 8.66
CA TRP A 268 36.99 21.23 8.77
C TRP A 268 36.33 21.30 10.15
N THR A 269 35.13 20.75 10.21
CA THR A 269 34.42 20.43 11.45
C THR A 269 33.91 19.00 11.34
N VAL A 270 34.33 18.14 12.26
CA VAL A 270 33.86 16.74 12.34
C VAL A 270 32.68 16.66 13.32
N CYS A 271 31.57 16.08 12.87
CA CYS A 271 30.37 15.88 13.69
C CYS A 271 30.17 14.41 14.07
N LYS A 272 29.86 14.18 15.34
CA LYS A 272 29.69 12.84 15.91
C LYS A 272 28.52 12.81 16.87
N ALA A 273 28.18 11.62 17.34
CA ALA A 273 27.22 11.43 18.44
C ALA A 273 27.87 11.82 19.76
N GLY A 274 27.05 12.17 20.76
CA GLY A 274 27.53 12.54 22.09
C GLY A 274 28.25 11.43 22.83
N PRO A 275 28.81 11.73 24.03
CA PRO A 275 29.68 10.77 24.74
C PRO A 275 29.00 9.54 25.37
N TRP A 276 27.69 9.41 25.20
CA TRP A 276 27.01 8.11 25.35
C TRP A 276 27.44 7.08 24.29
N SER A 277 28.13 7.55 23.25
CA SER A 277 28.85 6.72 22.30
C SER A 277 30.33 7.03 22.43
N GLN A 278 31.16 6.25 21.75
CA GLN A 278 32.59 6.58 21.66
C GLN A 278 32.89 7.74 20.69
N GLY A 279 31.88 8.22 19.95
CA GLY A 279 32.05 9.29 18.97
C GLY A 279 33.05 10.40 19.26
N PRO A 280 32.96 10.99 20.45
CA PRO A 280 33.92 12.00 20.84
C PRO A 280 35.39 11.59 20.92
N VAL A 281 35.74 10.29 20.95
CA VAL A 281 37.19 9.91 20.89
C VAL A 281 37.87 10.36 19.61
N LEU A 282 37.14 10.32 18.50
CA LEU A 282 37.68 10.84 17.25
C LEU A 282 38.07 12.30 17.45
N LEU A 283 37.11 13.08 17.95
CA LEU A 283 37.28 14.49 18.28
C LEU A 283 38.49 14.74 19.19
N GLN A 284 38.60 13.97 20.27
CA GLN A 284 39.74 14.10 21.19
C GLN A 284 41.11 13.86 20.54
N GLN A 285 41.15 12.98 19.54
CA GLN A 285 42.40 12.71 18.83
C GLN A 285 42.80 13.87 17.93
N LEU A 286 41.80 14.54 17.36
CA LEU A 286 42.04 15.75 16.56
C LEU A 286 42.67 16.83 17.43
N ALA A 287 41.97 17.22 18.49
CA ALA A 287 42.45 18.23 19.44
C ALA A 287 43.86 17.96 20.01
N LEU A 288 44.23 16.69 20.08
CA LEU A 288 45.58 16.24 20.48
C LEU A 288 46.68 16.56 19.50
N LEU A 289 46.33 16.65 18.22
CA LEU A 289 47.32 16.84 17.16
C LEU A 289 47.94 18.25 17.22
N PRO A 290 49.26 18.34 17.01
CA PRO A 290 49.86 19.66 16.87
C PRO A 290 49.46 20.30 15.55
N PRO A 291 49.56 21.63 15.44
CA PRO A 291 49.24 22.30 14.17
C PRO A 291 50.17 21.86 13.00
N GLU A 292 51.34 21.32 13.33
CA GLU A 292 52.36 20.90 12.37
C GLU A 292 52.56 19.37 12.36
N LEU A 293 51.87 18.70 11.44
CA LEU A 293 51.87 17.23 11.40
C LEU A 293 53.10 16.71 10.66
N PRO A 294 53.56 15.49 11.01
CA PRO A 294 54.66 14.91 10.21
C PRO A 294 54.21 14.53 8.79
N GLU A 295 55.18 14.13 7.98
CA GLU A 295 54.94 13.68 6.59
C GLU A 295 53.89 12.58 6.58
N TYR A 296 52.77 12.81 5.87
CA TYR A 296 51.69 11.83 5.83
C TYR A 296 52.18 10.42 5.49
N GLY A 297 51.61 9.43 6.16
CA GLY A 297 51.97 8.02 5.97
C GLY A 297 53.29 7.55 6.56
N SER A 298 54.01 8.45 7.23
CA SER A 298 55.36 8.15 7.75
C SER A 298 55.31 7.46 9.11
N ALA A 299 56.44 6.89 9.50
CA ALA A 299 56.64 6.30 10.82
C ALA A 299 56.35 7.29 11.97
N ASP A 300 56.75 8.55 11.80
CA ASP A 300 56.47 9.59 12.81
C ASP A 300 54.97 9.91 12.88
N TYR A 301 54.34 10.03 11.70
CA TYR A 301 52.88 10.21 11.54
C TYR A 301 52.05 9.12 12.22
N VAL A 302 52.41 7.86 11.96
CA VAL A 302 51.71 6.72 12.57
C VAL A 302 51.88 6.72 14.08
N HIS A 303 53.14 6.67 14.53
CA HIS A 303 53.50 6.69 15.95
C HIS A 303 52.77 7.78 16.71
N LEU A 304 52.83 8.99 16.17
CA LEU A 304 52.11 10.13 16.74
C LEU A 304 50.62 9.80 16.91
N LEU A 305 50.04 9.20 15.87
CA LEU A 305 48.61 8.87 15.86
C LEU A 305 48.26 7.74 16.81
N VAL A 306 49.16 6.77 16.95
CA VAL A 306 48.93 5.63 17.85
C VAL A 306 48.94 6.06 19.32
N GLU A 307 49.95 6.85 19.70
CA GLU A 307 50.08 7.36 21.06
C GLU A 307 48.98 8.33 21.46
N GLY A 308 48.58 9.18 20.52
CA GLY A 308 47.42 10.05 20.69
C GLY A 308 46.10 9.30 20.87
N CYS A 309 45.94 8.20 20.15
CA CYS A 309 44.74 7.37 20.31
C CYS A 309 44.66 6.73 21.70
N LYS A 310 45.79 6.24 22.21
CA LYS A 310 45.89 5.68 23.58
C LYS A 310 45.44 6.69 24.63
N LEU A 311 46.04 7.88 24.57
CA LEU A 311 45.61 9.01 25.40
C LEU A 311 44.10 9.24 25.33
N ALA A 312 43.59 9.36 24.12
CA ALA A 312 42.18 9.67 23.88
C ALA A 312 41.24 8.58 24.36
N MET A 313 41.65 7.33 24.17
CA MET A 313 40.87 6.17 24.62
C MET A 313 40.82 6.05 26.15
N ALA A 314 41.93 6.39 26.81
CA ALA A 314 41.98 6.39 28.27
C ALA A 314 40.93 7.33 28.82
N ASP A 315 40.79 8.49 28.18
CA ASP A 315 39.77 9.45 28.57
C ASP A 315 38.37 8.93 28.32
N ARG A 316 38.14 8.19 27.23
CA ARG A 316 36.79 7.62 27.05
C ARG A 316 36.46 6.63 28.16
N GLU A 317 37.40 5.74 28.48
CA GLU A 317 37.23 4.77 29.55
C GLU A 317 36.92 5.45 30.85
N ALA A 318 37.76 6.43 31.18
CA ALA A 318 37.62 7.18 32.42
C ALA A 318 36.33 8.00 32.48
N TRP A 319 36.02 8.71 31.39
CA TRP A 319 35.03 9.79 31.43
C TRP A 319 33.71 9.54 30.71
N TYR A 320 33.68 8.62 29.75
CA TYR A 320 32.52 8.51 28.85
C TYR A 320 31.48 7.56 29.40
N GLY A 321 30.24 7.82 29.01
CA GLY A 321 29.11 7.01 29.42
C GLY A 321 27.86 7.85 29.47
N ASP A 322 26.83 7.27 30.05
CA ASP A 322 25.52 7.92 30.18
C ASP A 322 24.97 7.93 31.62
N ALA A 323 25.74 7.41 32.58
CA ALA A 323 25.35 7.42 33.99
C ALA A 323 25.97 8.60 34.73
N ALA A 324 26.67 9.49 34.02
CA ALA A 324 27.16 10.73 34.62
C ALA A 324 27.42 11.80 33.57
N GLU A 325 27.47 13.06 34.02
CA GLU A 325 27.89 14.18 33.19
C GLU A 325 29.31 13.93 32.68
N VAL A 326 29.54 14.31 31.43
CA VAL A 326 30.84 14.11 30.77
C VAL A 326 31.46 15.47 30.47
N PRO A 327 32.68 15.74 30.99
CA PRO A 327 33.26 17.09 30.84
C PRO A 327 33.87 17.28 29.44
N LEU A 328 33.00 17.34 28.44
CA LEU A 328 33.42 17.27 27.04
C LEU A 328 34.14 18.52 26.55
N ASP A 329 33.61 19.69 26.90
CA ASP A 329 34.23 20.99 26.52
C ASP A 329 35.68 21.06 27.00
N GLU A 330 35.91 20.64 28.24
CA GLU A 330 37.24 20.64 28.84
C GLU A 330 38.18 19.64 28.18
N LEU A 331 37.65 18.44 27.87
CA LEU A 331 38.41 17.40 27.13
C LEU A 331 38.81 17.81 25.70
N LEU A 332 37.98 18.65 25.06
CA LEU A 332 38.25 19.25 23.73
C LEU A 332 38.87 20.66 23.77
N SER A 333 39.09 21.20 24.97
CA SER A 333 39.67 22.53 25.15
C SER A 333 41.15 22.53 24.77
N ALA A 334 41.66 23.66 24.29
CA ALA A 334 43.08 23.76 23.93
C ALA A 334 44.06 23.64 25.11
N GLU A 335 43.70 24.23 26.26
CA GLU A 335 44.50 24.15 27.51
C GLU A 335 44.76 22.71 27.98
N TYR A 336 43.68 21.95 28.03
CA TYR A 336 43.73 20.54 28.42
C TYR A 336 44.60 19.76 27.46
N ASN A 337 44.32 19.96 26.18
CA ASN A 337 45.00 19.24 25.10
C ASN A 337 46.46 19.67 24.92
N ALA A 338 46.76 20.94 25.18
CA ALA A 338 48.16 21.43 25.19
C ALA A 338 48.96 20.66 26.25
N GLY A 339 48.36 20.50 27.43
CA GLY A 339 48.93 19.67 28.49
C GLY A 339 49.13 18.21 28.09
N ARG A 340 48.15 17.66 27.38
CA ARG A 340 48.11 16.24 27.05
C ARG A 340 49.05 15.77 25.93
N ARG A 341 49.20 16.56 24.87
CA ARG A 341 50.09 16.14 23.77
C ARG A 341 51.56 16.00 24.19
N GLU A 342 51.97 16.67 25.27
CA GLU A 342 53.30 16.47 25.87
C GLU A 342 53.54 15.03 26.35
N LEU A 343 52.48 14.34 26.76
CA LEU A 343 52.53 12.93 27.15
C LEU A 343 52.88 11.97 26.01
N VAL A 344 52.73 12.43 24.77
CA VAL A 344 53.21 11.70 23.59
C VAL A 344 54.74 11.80 23.58
N GLY A 345 55.39 10.66 23.76
CA GLY A 345 56.85 10.60 23.88
C GLY A 345 57.47 9.65 22.87
N ASP A 346 58.80 9.67 22.81
CA ASP A 346 59.57 8.90 21.81
C ASP A 346 59.33 7.40 21.88
N LYS A 347 59.11 6.89 23.08
CA LYS A 347 58.81 5.48 23.29
C LYS A 347 57.29 5.27 23.31
N ALA A 348 56.87 4.04 23.06
CA ALA A 348 55.46 3.69 22.97
C ALA A 348 54.93 3.37 24.37
N SER A 349 53.86 4.05 24.76
CA SER A 349 53.21 3.83 26.06
C SER A 349 52.54 2.46 26.13
N HIS A 350 52.76 1.78 27.25
CA HIS A 350 52.08 0.52 27.56
C HIS A 350 51.09 0.72 28.72
N GLU A 351 50.78 1.98 29.04
CA GLU A 351 49.91 2.31 30.18
C GLU A 351 48.60 2.91 29.72
N LEU A 352 47.60 2.84 30.60
CA LEU A 352 46.37 3.61 30.45
C LEU A 352 46.51 4.88 31.29
N ARG A 353 46.51 6.04 30.63
CA ARG A 353 46.74 7.32 31.30
C ARG A 353 45.62 8.29 30.96
N PRO A 354 44.51 8.22 31.72
CA PRO A 354 43.48 9.25 31.57
C PRO A 354 43.93 10.54 32.24
N GLY A 355 43.41 11.66 31.77
CA GLY A 355 43.77 12.98 32.29
C GLY A 355 42.73 13.53 33.24
N SER A 356 42.98 14.75 33.72
CA SER A 356 42.13 15.42 34.70
C SER A 356 41.46 16.68 34.13
N PRO A 357 40.38 16.50 33.34
CA PRO A 357 39.68 17.67 32.84
C PRO A 357 38.98 18.41 33.97
N GLY A 358 39.31 19.69 34.13
CA GLY A 358 38.75 20.53 35.19
C GLY A 358 39.19 20.14 36.58
N GLY A 359 40.39 19.55 36.67
CA GLY A 359 40.96 19.11 37.95
C GLY A 359 40.37 17.84 38.55
N ARG A 360 39.26 17.34 37.97
CA ARG A 360 38.59 16.14 38.44
C ARG A 360 39.51 14.94 38.30
N THR A 361 39.54 14.09 39.32
CA THR A 361 40.47 12.97 39.35
C THR A 361 39.74 11.77 38.75
N ALA A 362 40.47 11.02 37.93
CA ALA A 362 39.92 9.93 37.14
C ALA A 362 39.58 8.72 38.00
N ARG A 363 38.35 8.23 37.84
CA ARG A 363 37.88 6.97 38.40
C ARG A 363 37.76 5.94 37.28
N LEU A 364 38.49 4.83 37.44
CA LEU A 364 38.44 3.70 36.53
C LEU A 364 37.79 2.50 37.22
N SER A 365 37.17 1.63 36.42
CA SER A 365 36.60 0.41 36.98
C SER A 365 37.72 -0.49 37.51
N ALA A 366 37.41 -1.24 38.56
CA ALA A 366 38.35 -2.22 39.12
C ALA A 366 38.84 -3.17 38.03
N HIS A 367 37.92 -3.61 37.19
CA HIS A 367 38.24 -4.51 36.09
C HIS A 367 39.13 -3.84 35.04
N ALA A 368 38.89 -2.57 34.77
CA ALA A 368 39.76 -1.79 33.88
C ALA A 368 41.19 -1.66 34.43
N ASP A 369 41.27 -1.39 35.74
CA ASP A 369 42.55 -1.28 36.47
C ASP A 369 43.33 -2.57 36.45
N LEU A 370 42.60 -3.65 36.69
CA LEU A 370 43.11 -5.02 36.72
C LEU A 370 43.67 -5.46 35.38
N VAL A 371 42.90 -5.18 34.34
CA VAL A 371 43.24 -5.57 32.97
C VAL A 371 44.45 -4.78 32.41
N ALA A 372 44.68 -3.57 32.92
CA ALA A 372 45.80 -2.73 32.52
C ALA A 372 47.08 -3.04 33.31
N THR A 373 47.83 -4.04 32.85
CA THR A 373 48.99 -4.58 33.56
C THR A 373 50.34 -3.92 33.19
N GLY A 374 50.40 -3.25 32.03
CA GLY A 374 51.57 -2.46 31.65
C GLY A 374 52.82 -3.27 31.32
N PRO A 409 39.86 -14.23 17.31
CA PRO A 409 38.74 -14.64 16.46
C PRO A 409 37.52 -13.70 16.57
N ASP A 410 36.62 -13.82 15.61
CA ASP A 410 35.42 -12.99 15.53
C ASP A 410 34.38 -13.43 16.57
N VAL A 411 34.08 -14.72 16.59
CA VAL A 411 32.99 -15.32 17.38
C VAL A 411 33.51 -16.57 18.10
N ALA A 412 33.15 -16.73 19.37
CA ALA A 412 33.46 -17.97 20.13
C ALA A 412 32.27 -18.94 20.16
N ALA A 413 32.51 -20.16 20.63
CA ALA A 413 31.44 -21.18 20.80
C ALA A 413 30.32 -20.73 21.76
N ASP A 414 30.72 -19.98 22.80
CA ASP A 414 29.85 -19.14 23.64
C ASP A 414 28.81 -18.33 22.86
N GLY A 415 29.21 -17.80 21.71
CA GLY A 415 28.49 -16.76 20.99
C GLY A 415 28.94 -15.36 21.37
N SER A 416 29.96 -15.26 22.24
CA SER A 416 30.61 -13.99 22.54
C SER A 416 31.37 -13.54 21.29
N THR A 417 31.41 -12.24 21.11
CA THR A 417 31.91 -11.65 19.87
C THR A 417 32.74 -10.40 20.09
N ARG A 418 33.44 -10.02 19.04
CA ARG A 418 34.08 -8.72 18.91
C ARG A 418 33.49 -7.98 17.70
N GLY A 419 33.41 -8.68 16.56
CA GLY A 419 32.81 -8.18 15.30
C GLY A 419 31.50 -7.45 15.54
N ASP A 420 31.37 -6.26 14.97
CA ASP A 420 30.33 -5.33 15.39
C ASP A 420 29.89 -4.42 14.27
N ALA A 421 28.62 -4.53 13.91
CA ALA A 421 27.91 -3.49 13.14
C ALA A 421 28.04 -3.51 11.62
N CYS A 422 27.17 -2.71 11.03
CA CYS A 422 27.19 -2.33 9.64
C CYS A 422 27.37 -0.82 9.56
N HIS A 423 27.51 -0.35 8.32
CA HIS A 423 27.46 1.08 8.04
C HIS A 423 26.76 1.37 6.71
N LEU A 424 26.23 2.59 6.62
CA LEU A 424 25.42 3.02 5.51
C LEU A 424 25.41 4.56 5.42
N ASP A 425 25.78 5.08 4.23
CA ASP A 425 25.84 6.53 3.92
C ASP A 425 25.06 6.83 2.66
N VAL A 426 24.32 7.94 2.64
CA VAL A 426 23.58 8.39 1.45
C VAL A 426 23.63 9.91 1.29
N VAL A 427 23.84 10.35 0.04
CA VAL A 427 23.64 11.76 -0.33
C VAL A 427 22.77 11.78 -1.60
N ASP A 428 21.76 12.66 -1.63
CA ASP A 428 20.79 12.70 -2.75
C ASP A 428 20.94 13.93 -3.65
N ARG A 429 20.10 14.00 -4.68
CA ARG A 429 20.14 15.10 -5.65
C ARG A 429 19.91 16.50 -5.04
N TRP A 430 19.20 16.57 -3.92
CA TRP A 430 18.98 17.82 -3.17
C TRP A 430 20.11 18.21 -2.22
N GLY A 431 21.09 17.32 -2.02
CA GLY A 431 22.21 17.58 -1.11
C GLY A 431 22.06 17.08 0.33
N ASN A 432 20.95 16.39 0.62
CA ASN A 432 20.72 15.83 1.95
C ASN A 432 21.70 14.71 2.19
N MET A 433 22.26 14.65 3.39
CA MET A 433 23.16 13.55 3.78
C MET A 433 22.70 12.81 5.04
N VAL A 434 23.00 11.51 5.06
CA VAL A 434 22.86 10.66 6.24
C VAL A 434 24.09 9.79 6.39
N ALA A 435 24.40 9.43 7.63
CA ALA A 435 25.41 8.42 7.93
C ALA A 435 24.95 7.66 9.18
N ALA A 436 24.86 6.34 9.08
CA ALA A 436 24.34 5.50 10.16
C ALA A 436 25.20 4.25 10.33
N THR A 437 25.42 3.85 11.58
CA THR A 437 26.09 2.57 11.86
C THR A 437 25.17 1.73 12.74
N PRO A 438 24.26 0.96 12.10
CA PRO A 438 23.40 0.04 12.82
C PRO A 438 24.15 -1.24 13.19
N SER A 439 23.76 -1.82 14.32
CA SER A 439 24.41 -2.96 14.91
C SER A 439 23.46 -3.66 15.84
N GLY A 440 23.95 -4.73 16.47
CA GLY A 440 23.24 -5.41 17.53
C GLY A 440 22.11 -6.27 17.02
N GLY A 441 21.66 -7.18 17.86
CA GLY A 441 20.61 -8.12 17.51
C GLY A 441 21.08 -9.16 16.52
N TRP A 442 22.38 -9.46 16.56
CA TRP A 442 22.98 -10.45 15.67
C TRP A 442 22.71 -11.87 16.14
N LEU A 443 22.84 -12.80 15.21
CA LEU A 443 22.42 -14.19 15.40
C LEU A 443 23.23 -14.99 16.41
N GLN A 444 24.50 -14.64 16.63
CA GLN A 444 25.44 -15.44 17.45
C GLN A 444 25.20 -15.38 18.94
N SER A 445 24.54 -14.34 19.41
CA SER A 445 24.61 -13.93 20.81
C SER A 445 23.28 -13.82 21.58
N ASN A 446 22.20 -14.24 20.95
CA ASN A 446 20.92 -14.45 21.64
C ASN A 446 20.03 -15.41 20.85
N PRO A 447 19.17 -16.17 21.55
CA PRO A 447 18.21 -17.01 20.82
C PRO A 447 17.18 -16.17 20.07
N VAL A 448 16.86 -16.62 18.87
CA VAL A 448 15.79 -16.01 18.07
C VAL A 448 14.48 -16.00 18.85
N VAL A 449 13.79 -14.87 18.75
CA VAL A 449 12.42 -14.74 19.23
C VAL A 449 11.58 -15.48 18.18
N PRO A 450 10.96 -16.61 18.57
CA PRO A 450 10.40 -17.55 17.59
C PRO A 450 9.24 -17.01 16.74
N GLU A 451 8.44 -16.09 17.27
CA GLU A 451 7.29 -15.58 16.49
C GLU A 451 7.67 -14.41 15.59
N LEU A 452 8.93 -13.96 15.69
CA LEU A 452 9.43 -12.77 14.96
C LEU A 452 10.53 -13.07 13.93
N GLY A 453 11.50 -13.90 14.31
CA GLY A 453 12.56 -14.33 13.39
C GLY A 453 13.95 -13.78 13.66
N PHE A 454 14.07 -12.93 14.66
CA PHE A 454 15.35 -12.35 15.05
C PHE A 454 15.50 -12.37 16.58
N PRO A 455 16.74 -12.21 17.09
CA PRO A 455 16.99 -12.20 18.52
C PRO A 455 17.11 -10.81 19.13
N LEU A 456 17.06 -10.76 20.46
CA LEU A 456 17.40 -9.55 21.22
C LEU A 456 18.90 -9.23 21.14
N GLY A 457 19.23 -7.99 21.48
CA GLY A 457 20.61 -7.50 21.39
C GLY A 457 21.47 -7.82 22.59
N THR A 458 22.65 -7.20 22.65
CA THR A 458 23.65 -7.49 23.67
C THR A 458 24.53 -6.28 24.05
N ARG A 459 24.03 -5.06 23.89
CA ARG A 459 24.83 -3.85 24.12
C ARG A 459 25.07 -3.49 25.59
N LEU A 460 24.29 -4.04 26.52
CA LEU A 460 24.60 -3.84 27.95
C LEU A 460 25.91 -4.49 28.37
N GLN A 461 26.44 -5.41 27.56
CA GLN A 461 27.79 -5.97 27.81
C GLN A 461 28.91 -4.93 27.94
N MET A 462 28.69 -3.73 27.40
CA MET A 462 29.69 -2.65 27.46
C MET A 462 29.66 -1.76 28.73
N THR A 463 28.69 -1.98 29.63
CA THR A 463 28.64 -1.25 30.92
C THR A 463 29.53 -1.94 31.96
N TRP A 464 29.68 -1.33 33.13
CA TRP A 464 30.40 -1.95 34.24
C TRP A 464 29.44 -2.34 35.35
N LEU A 465 29.73 -3.47 36.00
CA LEU A 465 29.03 -3.93 37.21
C LEU A 465 29.76 -3.41 38.45
N GLU A 466 29.74 -2.07 38.55
CA GLU A 466 30.37 -1.32 39.62
C GLU A 466 29.68 0.03 39.59
N GLU A 467 29.20 0.50 40.73
CA GLU A 467 28.54 1.79 40.82
C GLU A 467 29.54 2.92 40.91
N GLY A 468 29.04 4.13 40.68
CA GLY A 468 29.80 5.36 40.82
C GLY A 468 30.56 5.83 39.59
N LEU A 469 30.42 5.10 38.47
CA LEU A 469 31.16 5.36 37.23
C LEU A 469 30.29 6.01 36.13
N PRO A 470 30.93 6.70 35.16
CA PRO A 470 30.20 7.24 34.00
C PRO A 470 29.47 6.17 33.19
N ASN A 471 30.08 4.98 33.08
CA ASN A 471 29.50 3.84 32.37
C ASN A 471 29.10 2.68 33.30
N SER A 472 28.62 3.00 34.50
CA SER A 472 28.04 2.02 35.41
C SER A 472 26.74 1.56 34.78
N LEU A 473 26.50 0.26 34.77
CA LEU A 473 25.21 -0.27 34.32
C LEU A 473 24.14 0.43 35.14
N THR A 474 23.19 1.10 34.46
CA THR A 474 22.24 1.98 35.12
C THR A 474 20.88 1.95 34.41
N PRO A 475 19.79 1.70 35.17
CA PRO A 475 18.43 1.75 34.62
C PRO A 475 18.11 3.07 33.91
N GLY A 476 17.51 2.97 32.73
CA GLY A 476 17.17 4.14 31.92
C GLY A 476 18.32 4.86 31.22
N ARG A 477 19.48 4.23 31.20
CA ARG A 477 20.69 4.82 30.62
C ARG A 477 21.18 3.96 29.49
N ARG A 478 21.65 4.59 28.43
CA ARG A 478 22.26 3.83 27.35
C ARG A 478 23.64 3.37 27.80
N PRO A 479 24.02 2.14 27.42
CA PRO A 479 25.40 1.71 27.64
C PRO A 479 26.29 2.54 26.75
N ARG A 480 27.55 2.73 27.12
CA ARG A 480 28.42 3.47 26.22
C ARG A 480 28.76 2.60 25.02
N THR A 481 28.34 3.08 23.87
CA THR A 481 28.28 2.27 22.68
C THR A 481 29.42 2.59 21.72
N THR A 482 29.92 1.55 21.07
CA THR A 482 30.96 1.68 20.05
C THR A 482 30.45 2.28 18.72
N LEU A 483 29.14 2.36 18.55
CA LEU A 483 28.54 2.77 17.27
C LEU A 483 28.71 4.26 17.05
N THR A 484 29.35 4.62 15.95
CA THR A 484 29.88 5.96 15.80
C THR A 484 30.03 6.44 14.34
N PRO A 485 28.92 6.90 13.74
CA PRO A 485 29.00 7.50 12.41
C PRO A 485 29.60 8.91 12.44
N SER A 486 29.84 9.46 11.25
CA SER A 486 30.53 10.74 11.10
C SER A 486 29.97 11.57 9.95
N ILE A 487 29.93 12.89 10.15
CA ILE A 487 29.66 13.85 9.11
C ILE A 487 30.67 14.98 9.24
N ALA A 488 31.42 15.22 8.17
CA ALA A 488 32.45 16.25 8.15
C ALA A 488 31.97 17.48 7.39
N LEU A 489 32.26 18.65 7.95
CA LEU A 489 31.97 19.93 7.31
C LEU A 489 33.28 20.57 6.88
N ARG A 490 33.20 21.38 5.82
CA ARG A 490 34.32 22.20 5.35
C ARG A 490 33.77 23.62 5.22
N ASP A 491 34.38 24.58 5.94
CA ASP A 491 33.82 25.94 6.07
C ASP A 491 32.38 25.93 6.62
N GLY A 492 32.09 25.01 7.53
CA GLY A 492 30.75 24.87 8.11
C GLY A 492 29.66 24.33 7.19
N ILE A 493 30.04 23.81 6.00
CA ILE A 493 29.08 23.25 5.03
C ILE A 493 29.24 21.72 5.00
N PRO A 494 28.12 20.96 5.03
CA PRO A 494 28.20 19.50 5.03
C PRO A 494 28.76 18.95 3.73
N VAL A 495 29.85 18.21 3.87
CA VAL A 495 30.71 17.84 2.75
C VAL A 495 30.89 16.33 2.60
N MET A 496 31.06 15.60 3.71
CA MET A 496 31.36 14.18 3.67
C MET A 496 30.64 13.42 4.77
N ALA A 497 29.98 12.33 4.40
CA ALA A 497 29.29 11.44 5.34
C ALA A 497 29.88 10.05 5.22
N PHE A 498 30.36 9.53 6.34
CA PHE A 498 31.23 8.36 6.35
C PHE A 498 31.16 7.62 7.68
N GLY A 499 31.70 6.41 7.67
CA GLY A 499 31.75 5.55 8.85
C GLY A 499 32.30 4.20 8.54
N THR A 500 32.49 3.41 9.60
CA THR A 500 32.91 2.01 9.49
C THR A 500 32.37 1.23 10.69
N PRO A 501 32.14 -0.08 10.52
CA PRO A 501 31.93 -0.95 11.67
C PRO A 501 33.26 -1.40 12.25
N GLY A 502 33.17 -2.22 13.29
CA GLY A 502 34.33 -2.85 13.93
C GLY A 502 34.63 -2.44 15.36
N GLY A 503 33.59 -2.17 16.15
CA GLY A 503 33.74 -1.99 17.59
C GLY A 503 34.71 -0.88 17.99
N ASP A 504 35.70 -1.23 18.80
CA ASP A 504 36.69 -0.25 19.28
C ASP A 504 37.70 0.20 18.24
N GLN A 505 37.67 -0.39 17.05
CA GLN A 505 38.42 0.15 15.91
C GLN A 505 37.70 1.27 15.15
N GLN A 506 36.40 1.45 15.38
CA GLN A 506 35.58 2.33 14.56
C GLN A 506 36.12 3.75 14.45
N ASP A 507 36.33 4.40 15.59
CA ASP A 507 36.91 5.76 15.59
C ASP A 507 38.44 5.82 15.58
N GLN A 508 39.09 4.67 15.37
CA GLN A 508 40.50 4.62 15.03
C GLN A 508 40.65 4.66 13.50
N TRP A 509 40.04 3.68 12.84
CA TRP A 509 40.04 3.63 11.38
C TRP A 509 39.49 4.89 10.75
N GLN A 510 38.42 5.45 11.32
CA GLN A 510 37.83 6.68 10.78
C GLN A 510 38.72 7.90 10.91
N LEU A 511 39.49 7.97 11.99
CA LEU A 511 40.43 9.07 12.15
C LEU A 511 41.53 8.99 11.09
N HIS A 512 42.09 7.80 10.89
CA HIS A 512 43.11 7.59 9.88
C HIS A 512 42.52 7.90 8.51
N PHE A 513 41.27 7.51 8.31
CA PHE A 513 40.54 7.78 7.07
C PHE A 513 40.34 9.27 6.84
N PHE A 514 39.69 9.94 7.78
CA PHE A 514 39.40 11.38 7.67
C PHE A 514 40.65 12.21 7.40
N LEU A 515 41.72 11.95 8.15
CA LEU A 515 42.98 12.65 7.96
C LEU A 515 43.54 12.48 6.55
N ALA A 516 43.55 11.25 6.06
CA ALA A 516 44.01 10.95 4.72
C ALA A 516 43.17 11.67 3.66
N VAL A 517 41.85 11.76 3.87
CA VAL A 517 41.02 12.54 2.97
C VAL A 517 41.53 13.98 2.91
N ALA A 518 41.77 14.56 4.09
CA ALA A 518 42.24 15.94 4.20
C ALA A 518 43.69 16.15 3.71
N LEU A 519 44.56 15.14 3.86
CA LEU A 519 45.99 15.27 3.50
C LEU A 519 46.40 14.71 2.15
N ARG A 520 45.60 13.84 1.56
CA ARG A 520 45.93 13.26 0.25
C ARG A 520 45.53 14.22 -0.86
N ALA A 521 46.24 14.11 -1.99
CA ALA A 521 45.96 14.91 -3.17
C ALA A 521 44.59 14.54 -3.76
N ARG A 522 43.90 15.55 -4.28
CA ARG A 522 42.67 15.32 -5.01
C ARG A 522 42.89 14.49 -6.27
N VAL A 523 41.87 13.67 -6.57
CA VAL A 523 41.84 12.76 -7.69
C VAL A 523 40.61 13.15 -8.48
N ARG A 524 40.77 13.36 -9.78
CA ARG A 524 39.68 13.79 -10.65
C ARG A 524 38.99 15.05 -10.12
N GLY A 525 39.81 15.97 -9.58
CA GLY A 525 39.32 17.22 -8.98
C GLY A 525 38.29 17.04 -7.87
N GLY A 526 38.44 15.99 -7.07
CA GLY A 526 37.54 15.71 -5.96
C GLY A 526 38.28 14.98 -4.87
N LEU A 527 37.67 14.91 -3.69
CA LEU A 527 38.30 14.24 -2.55
C LEU A 527 38.66 12.81 -2.93
N ASP A 528 39.86 12.37 -2.52
CA ASP A 528 40.34 11.02 -2.81
C ASP A 528 39.76 10.02 -1.78
N LEU A 529 38.47 9.77 -1.92
CA LEU A 529 37.75 8.91 -0.99
C LEU A 529 38.28 7.49 -1.03
N GLN A 530 38.30 6.89 -2.23
CA GLN A 530 38.73 5.50 -2.37
C GLN A 530 40.22 5.29 -2.07
N GLY A 531 41.06 6.24 -2.47
CA GLY A 531 42.48 6.15 -2.14
C GLY A 531 42.71 6.16 -0.63
N ALA A 532 41.91 6.93 0.08
CA ALA A 532 41.97 7.01 1.53
C ALA A 532 41.52 5.70 2.16
N ILE A 533 40.48 5.10 1.59
CA ILE A 533 39.96 3.82 2.04
C ILE A 533 40.96 2.70 1.73
N ASP A 534 41.39 2.65 0.47
CA ASP A 534 42.47 1.73 0.06
C ASP A 534 43.73 1.81 0.90
N ALA A 535 44.11 3.01 1.34
CA ALA A 535 45.35 3.22 2.12
C ALA A 535 45.51 2.17 3.23
N PRO A 536 46.76 1.71 3.44
CA PRO A 536 46.99 0.83 4.60
C PRO A 536 46.50 1.49 5.88
N ASN A 537 45.77 0.72 6.69
CA ASN A 537 45.19 1.20 7.93
C ASN A 537 45.63 0.32 9.10
N TRP A 538 45.43 0.81 10.31
CA TRP A 538 45.93 0.15 11.52
C TRP A 538 45.01 0.44 12.70
N HIS A 539 45.29 -0.22 13.81
CA HIS A 539 44.61 0.03 15.09
C HIS A 539 45.46 -0.50 16.25
N ASN A 540 45.18 0.01 17.44
CA ASN A 540 45.77 -0.54 18.66
C ASN A 540 44.68 -1.12 19.55
N ASP A 541 45.10 -1.99 20.48
CA ASP A 541 44.24 -2.59 21.50
C ASP A 541 44.72 -2.26 22.92
N SER A 542 45.43 -1.15 23.09
CA SER A 542 46.02 -0.76 24.38
C SER A 542 45.04 0.00 25.29
N PHE A 543 43.94 -0.67 25.60
CA PHE A 543 42.86 -0.12 26.45
C PHE A 543 41.90 -1.30 26.71
N PRO A 544 41.05 -1.21 27.74
CA PRO A 544 40.04 -2.26 27.93
C PRO A 544 38.94 -2.23 26.85
N GLY A 545 38.75 -3.36 26.18
CA GLY A 545 37.79 -3.46 25.08
C GLY A 545 36.34 -3.35 25.53
N SER A 546 35.49 -2.84 24.64
CA SER A 546 34.06 -2.68 24.90
C SER A 546 33.31 -3.99 25.06
N PHE A 547 33.80 -5.07 24.44
CA PHE A 547 33.08 -6.36 24.46
C PHE A 547 33.61 -7.35 25.48
N TYR A 548 32.67 -8.13 26.00
CA TYR A 548 32.95 -9.21 26.92
C TYR A 548 33.98 -10.14 26.27
N PRO A 549 35.08 -10.50 26.96
CA PRO A 549 35.27 -10.32 28.40
C PRO A 549 36.02 -9.06 28.83
N ARG A 550 36.15 -8.07 27.95
CA ARG A 550 36.74 -6.75 28.26
C ARG A 550 38.24 -6.82 28.62
N GLY A 551 39.02 -7.51 27.79
CA GLY A 551 40.47 -7.59 27.97
C GLY A 551 41.24 -6.43 27.35
N MET A 552 42.53 -6.39 27.61
CA MET A 552 43.42 -5.42 26.94
C MET A 552 44.81 -5.96 26.72
N ARG A 553 45.45 -5.37 25.73
CA ARG A 553 46.77 -5.78 25.29
C ARG A 553 47.68 -4.56 25.34
N PRO A 554 48.41 -4.38 26.46
CA PRO A 554 49.21 -3.17 26.58
C PRO A 554 50.28 -3.05 25.50
N GLY A 555 50.34 -1.89 24.85
CA GLY A 555 51.30 -1.60 23.77
C GLY A 555 51.01 -2.16 22.38
N SER A 556 49.97 -2.98 22.26
CA SER A 556 49.70 -3.74 21.04
C SER A 556 49.13 -2.88 19.88
N VAL A 557 49.80 -2.95 18.73
CA VAL A 557 49.34 -2.32 17.47
C VAL A 557 49.32 -3.34 16.36
N THR A 558 48.36 -3.18 15.46
CA THR A 558 48.17 -4.10 14.36
C THR A 558 48.14 -3.30 13.06
N VAL A 559 49.03 -3.64 12.15
CA VAL A 559 49.13 -2.96 10.86
C VAL A 559 48.88 -3.97 9.75
N GLU A 560 48.32 -3.49 8.64
CA GLU A 560 48.12 -4.33 7.45
C GLU A 560 49.49 -4.71 6.88
N ALA A 561 49.56 -5.88 6.25
CA ALA A 561 50.81 -6.39 5.69
C ALA A 561 51.35 -5.56 4.53
N ARG A 562 50.51 -4.70 3.96
CA ARG A 562 50.92 -3.82 2.85
C ARG A 562 51.50 -2.48 3.33
N MET A 563 51.45 -2.20 4.63
CA MET A 563 52.18 -1.04 5.20
C MET A 563 53.66 -1.33 5.05
N ASP A 564 54.43 -0.32 4.63
CA ASP A 564 55.88 -0.47 4.42
C ASP A 564 56.53 -1.21 5.60
N PRO A 565 57.27 -2.31 5.34
CA PRO A 565 57.85 -3.13 6.44
C PRO A 565 58.89 -2.40 7.32
N GLY A 566 59.44 -1.30 6.81
CA GLY A 566 60.26 -0.38 7.59
C GLY A 566 59.51 0.48 8.59
N ILE A 567 58.22 0.72 8.36
CA ILE A 567 57.37 1.41 9.33
C ILE A 567 57.08 0.48 10.50
N ALA A 568 56.80 -0.78 10.22
CA ALA A 568 56.70 -1.79 11.27
C ALA A 568 57.98 -1.82 12.11
N ALA A 569 59.13 -1.85 11.42
CA ALA A 569 60.46 -1.87 12.06
C ALA A 569 60.71 -0.71 13.00
N GLU A 570 60.41 0.50 12.53
CA GLU A 570 60.48 1.72 13.36
C GLU A 570 59.63 1.64 14.63
N LEU A 571 58.42 1.13 14.50
CA LEU A 571 57.50 1.06 15.62
C LEU A 571 57.97 0.09 16.71
N ARG A 572 58.50 -1.08 16.31
CA ARG A 572 59.02 -2.03 17.32
C ARG A 572 60.22 -1.42 18.04
N ARG A 573 61.11 -0.79 17.27
CA ARG A 573 62.24 0.00 17.80
C ARG A 573 61.80 0.98 18.89
N ARG A 574 60.68 1.66 18.63
CA ARG A 574 60.04 2.60 19.58
C ARG A 574 59.14 1.94 20.65
N GLY A 575 59.23 0.61 20.79
CA GLY A 575 58.62 -0.13 21.89
C GLY A 575 57.27 -0.79 21.64
N HIS A 576 56.69 -0.58 20.46
CA HIS A 576 55.37 -1.10 20.12
C HIS A 576 55.39 -2.62 19.97
N GLU A 577 54.43 -3.32 20.57
CA GLU A 577 54.20 -4.75 20.28
C GLU A 577 53.37 -4.86 18.99
N VAL A 578 54.08 -4.92 17.87
CA VAL A 578 53.48 -4.90 16.54
C VAL A 578 53.03 -6.29 16.10
N THR A 579 51.77 -6.38 15.70
CA THR A 579 51.21 -7.58 15.05
C THR A 579 51.00 -7.21 13.57
N VAL A 580 51.52 -8.04 12.67
CA VAL A 580 51.37 -7.84 11.23
C VAL A 580 50.23 -8.71 10.73
N GLY A 581 49.05 -8.09 10.57
CA GLY A 581 47.87 -8.76 10.06
C GLY A 581 47.91 -8.87 8.55
N PRO A 582 46.89 -9.53 7.96
CA PRO A 582 46.87 -9.70 6.50
C PRO A 582 46.80 -8.39 5.70
N PRO A 583 47.15 -8.45 4.40
CA PRO A 583 47.19 -7.26 3.53
C PRO A 583 45.90 -6.42 3.49
N TRP A 584 44.75 -7.11 3.47
CA TRP A 584 43.46 -6.46 3.29
C TRP A 584 42.51 -6.82 4.42
N SER A 585 42.81 -6.29 5.60
CA SER A 585 42.14 -6.71 6.85
C SER A 585 41.65 -5.61 7.81
N GLU A 586 42.03 -4.36 7.56
CA GLU A 586 41.79 -3.26 8.50
C GLU A 586 40.84 -2.20 7.91
N GLY A 587 39.65 -2.11 8.49
CA GLY A 587 38.65 -1.11 8.11
C GLY A 587 37.58 -1.66 7.17
N ARG A 588 36.32 -1.29 7.43
CA ARG A 588 35.24 -1.51 6.48
C ARG A 588 34.55 -0.16 6.20
N LEU A 589 35.34 0.79 5.74
CA LEU A 589 34.91 2.18 5.56
C LEU A 589 33.89 2.38 4.44
N CYS A 590 32.99 3.33 4.67
CA CYS A 590 32.04 3.82 3.67
C CYS A 590 32.16 5.34 3.66
N ALA A 591 31.94 5.94 2.50
CA ALA A 591 31.99 7.39 2.37
C ALA A 591 31.14 7.84 1.19
N VAL A 592 30.31 8.86 1.42
CA VAL A 592 29.76 9.68 0.34
C VAL A 592 30.17 11.12 0.59
N ALA A 593 30.13 11.93 -0.46
CA ALA A 593 30.56 13.31 -0.38
C ALA A 593 29.85 14.20 -1.40
N ARG A 594 29.82 15.50 -1.10
CA ARG A 594 29.25 16.52 -1.98
C ARG A 594 30.26 17.67 -2.09
N ASP A 595 30.59 18.04 -3.31
CA ASP A 595 31.38 19.24 -3.54
C ASP A 595 30.39 20.40 -3.59
N PRO A 596 30.50 21.36 -2.65
CA PRO A 596 29.50 22.43 -2.51
C PRO A 596 29.52 23.48 -3.62
N ARG A 597 30.71 23.78 -4.14
CA ARG A 597 30.90 24.72 -5.27
C ARG A 597 30.28 24.24 -6.59
N THR A 598 30.38 22.93 -6.82
CA THR A 598 30.05 22.30 -8.09
C THR A 598 28.79 21.42 -8.06
N GLY A 599 28.40 20.96 -6.87
CA GLY A 599 27.18 20.15 -6.67
C GLY A 599 27.34 18.66 -6.94
N ILE A 600 28.57 18.25 -7.26
CA ILE A 600 28.90 16.90 -7.71
C ILE A 600 29.04 15.96 -6.51
N LEU A 601 28.26 14.89 -6.56
CA LEU A 601 28.22 13.87 -5.53
C LEU A 601 29.29 12.82 -5.85
N SER A 602 29.89 12.26 -4.81
CA SER A 602 30.86 11.18 -4.98
C SER A 602 30.70 10.13 -3.89
N ALA A 603 31.38 9.00 -4.06
CA ALA A 603 31.26 7.90 -3.12
C ALA A 603 32.42 6.94 -3.26
N ALA A 604 32.72 6.25 -2.17
CA ALA A 604 33.73 5.22 -2.16
C ALA A 604 33.32 4.14 -1.19
N ALA A 605 33.95 2.97 -1.33
CA ALA A 605 33.73 1.86 -0.41
C ALA A 605 34.93 0.94 -0.25
N ASN A 606 34.98 0.32 0.92
CA ASN A 606 36.02 -0.63 1.30
C ASN A 606 36.02 -1.92 0.47
N PRO A 607 37.20 -2.34 -0.06
CA PRO A 607 37.24 -3.60 -0.80
C PRO A 607 37.55 -4.85 0.03
N ARG A 608 37.98 -4.66 1.28
CA ARG A 608 38.40 -5.78 2.13
C ARG A 608 37.20 -6.60 2.57
N GLY A 609 37.27 -7.90 2.31
CA GLY A 609 36.15 -8.82 2.54
C GLY A 609 35.18 -8.93 1.37
N MET A 610 35.51 -8.33 0.23
CA MET A 610 34.63 -8.21 -0.96
C MET A 610 33.11 -8.26 -0.69
N GLN A 611 32.66 -7.22 0.00
CA GLN A 611 31.29 -7.09 0.47
C GLN A 611 30.82 -5.62 0.38
N GLY A 612 31.58 -4.71 0.99
CA GLY A 612 31.28 -3.28 0.95
C GLY A 612 31.26 -2.75 -0.47
N TYR A 613 30.37 -1.81 -0.74
CA TYR A 613 30.19 -1.35 -2.11
C TYR A 613 29.49 -0.03 -2.18
N ALA A 614 29.97 0.81 -3.10
CA ALA A 614 29.36 2.10 -3.41
C ALA A 614 28.62 2.00 -4.74
N VAL A 615 27.48 2.68 -4.81
CA VAL A 615 26.73 2.84 -6.05
C VAL A 615 26.24 4.29 -6.14
N GLY A 616 26.09 4.77 -7.37
CA GLY A 616 25.58 6.10 -7.61
C GLY A 616 25.81 6.57 -9.02
N ARG A 617 25.19 7.69 -9.34
CA ARG A 617 25.34 8.33 -10.64
C ARG A 617 24.95 9.79 -10.54
N MET B 1 -9.02 5.13 -39.03
CA MET B 1 -8.85 4.18 -37.89
C MET B 1 -10.04 3.22 -37.82
N PHE B 2 -9.78 1.92 -38.00
CA PHE B 2 -10.83 0.91 -38.04
C PHE B 2 -11.68 0.84 -36.75
N THR B 3 -13.00 0.76 -36.94
CA THR B 3 -13.98 0.52 -35.87
C THR B 3 -14.89 -0.63 -36.29
N THR B 4 -15.30 -1.41 -35.30
CA THR B 4 -16.01 -2.68 -35.50
C THR B 4 -17.36 -2.50 -36.21
N ARG B 5 -18.00 -1.37 -35.93
CA ARG B 5 -19.17 -0.88 -36.65
C ARG B 5 -18.86 0.56 -37.04
N PRO B 6 -19.69 1.18 -37.88
CA PRO B 6 -19.54 2.62 -37.99
C PRO B 6 -20.29 3.28 -36.86
N THR B 7 -19.91 4.52 -36.53
CA THR B 7 -20.81 5.38 -35.79
C THR B 7 -21.89 5.83 -36.78
N LEU B 8 -23.05 5.20 -36.70
CA LEU B 8 -24.17 5.47 -37.63
C LEU B 8 -24.54 6.95 -37.62
N GLN B 9 -24.80 7.53 -38.79
CA GLN B 9 -25.25 8.92 -38.93
C GLN B 9 -26.54 9.00 -39.74
N GLY B 10 -27.46 9.86 -39.31
CA GLY B 10 -28.80 9.89 -39.89
C GLY B 10 -29.58 11.13 -39.53
N THR B 11 -30.82 11.17 -40.00
CA THR B 11 -31.76 12.29 -39.77
C THR B 11 -33.18 11.89 -39.38
N PHE B 12 -33.45 10.59 -39.23
CA PHE B 12 -34.78 10.09 -38.89
C PHE B 12 -34.86 9.57 -37.45
N GLY B 13 -33.91 8.73 -37.05
CA GLY B 13 -33.90 8.17 -35.70
C GLY B 13 -32.72 7.26 -35.42
N MET B 14 -32.34 7.13 -34.16
CA MET B 14 -31.25 6.23 -33.76
C MET B 14 -31.62 5.48 -32.51
N VAL B 15 -31.31 4.18 -32.51
CA VAL B 15 -31.44 3.33 -31.34
C VAL B 15 -30.14 2.55 -31.09
N SER B 16 -29.75 2.49 -29.83
CA SER B 16 -28.66 1.64 -29.38
C SER B 16 -29.08 0.92 -28.12
N SER B 17 -28.86 -0.39 -28.11
CA SER B 17 -29.19 -1.23 -26.98
C SER B 17 -28.18 -2.35 -26.86
N THR B 18 -28.38 -3.18 -25.83
CA THR B 18 -27.54 -4.35 -25.58
C THR B 18 -28.04 -5.59 -26.33
N HIS B 19 -29.04 -5.43 -27.19
CA HIS B 19 -29.58 -6.53 -27.97
C HIS B 19 -30.26 -6.03 -29.25
N TRP B 20 -29.80 -6.56 -30.38
CA TRP B 20 -30.24 -6.14 -31.72
C TRP B 20 -31.76 -6.29 -31.93
N LEU B 21 -32.34 -7.33 -31.35
CA LEU B 21 -33.79 -7.52 -31.42
C LEU B 21 -34.51 -6.36 -30.73
N ALA B 22 -34.01 -5.94 -29.57
CA ALA B 22 -34.59 -4.80 -28.86
C ALA B 22 -34.36 -3.49 -29.61
N SER B 23 -33.14 -3.27 -30.10
CA SER B 23 -32.82 -2.07 -30.91
C SER B 23 -33.75 -1.92 -32.12
N GLN B 24 -33.93 -3.01 -32.85
CA GLN B 24 -34.73 -3.00 -34.10
C GLN B 24 -36.24 -2.85 -33.85
N SER B 25 -36.75 -3.44 -32.77
CA SER B 25 -38.17 -3.28 -32.38
C SER B 25 -38.43 -1.84 -31.93
N ALA B 26 -37.51 -1.28 -31.16
CA ALA B 26 -37.55 0.14 -30.83
C ALA B 26 -37.55 1.04 -32.08
N MET B 27 -36.71 0.69 -33.06
CA MET B 27 -36.61 1.46 -34.31
C MET B 27 -37.89 1.34 -35.15
N ALA B 28 -38.44 0.13 -35.18
CA ALA B 28 -39.74 -0.13 -35.84
C ALA B 28 -40.87 0.79 -35.34
N VAL B 29 -40.85 1.13 -34.05
CA VAL B 29 -41.81 2.10 -33.48
C VAL B 29 -41.58 3.51 -34.06
N LEU B 30 -40.31 3.89 -34.16
CA LEU B 30 -39.95 5.15 -34.82
C LEU B 30 -40.45 5.22 -36.26
N GLU B 31 -40.29 4.12 -37.00
CA GLU B 31 -40.77 4.03 -38.38
C GLU B 31 -42.29 4.19 -38.55
N ASP B 32 -43.00 3.93 -37.47
CA ASP B 32 -44.45 3.97 -37.39
C ASP B 32 -44.95 5.33 -36.87
N GLY B 33 -44.06 6.32 -36.79
CA GLY B 33 -44.42 7.66 -36.35
C GLY B 33 -44.44 7.84 -34.83
N GLY B 34 -43.93 6.85 -34.10
CA GLY B 34 -43.75 6.98 -32.65
C GLY B 34 -42.52 7.80 -32.30
N ASN B 35 -42.41 8.19 -31.03
CA ASN B 35 -41.29 9.01 -30.55
C ASN B 35 -40.28 8.15 -29.77
N ALA B 36 -39.23 8.78 -29.24
CA ALA B 36 -38.17 8.06 -28.51
C ALA B 36 -38.67 7.31 -27.28
N TYR B 37 -39.72 7.84 -26.66
CA TYR B 37 -40.32 7.28 -25.44
C TYR B 37 -41.24 6.11 -25.75
N ASP B 38 -42.01 6.23 -26.84
CA ASP B 38 -42.73 5.08 -27.41
C ASP B 38 -41.74 3.94 -27.70
N ALA B 39 -40.62 4.28 -28.31
CA ALA B 39 -39.64 3.29 -28.75
C ALA B 39 -38.94 2.60 -27.59
N ALA B 40 -38.57 3.38 -26.59
CA ALA B 40 -37.90 2.84 -25.41
C ALA B 40 -38.76 1.82 -24.66
N VAL B 41 -40.06 2.10 -24.57
CA VAL B 41 -41.03 1.16 -23.97
C VAL B 41 -41.09 -0.17 -24.73
N ALA B 42 -41.31 -0.09 -26.04
CA ALA B 42 -41.30 -1.28 -26.88
C ALA B 42 -40.03 -2.07 -26.68
N GLY B 43 -38.89 -1.39 -26.84
CA GLY B 43 -37.57 -1.99 -26.67
C GLY B 43 -37.35 -2.60 -25.30
N ALA B 44 -37.86 -1.93 -24.27
CA ALA B 44 -37.72 -2.38 -22.88
C ALA B 44 -38.40 -3.72 -22.66
N PHE B 45 -39.63 -3.84 -23.14
CA PHE B 45 -40.38 -5.08 -23.02
C PHE B 45 -39.81 -6.21 -23.91
N VAL B 46 -39.21 -5.88 -25.05
CA VAL B 46 -38.46 -6.87 -25.81
C VAL B 46 -37.23 -7.35 -25.01
N LEU B 47 -36.55 -6.44 -24.33
CA LEU B 47 -35.38 -6.81 -23.51
C LEU B 47 -35.72 -7.79 -22.40
N HIS B 48 -36.93 -7.71 -21.82
CA HIS B 48 -37.39 -8.75 -20.86
C HIS B 48 -37.33 -10.14 -21.52
N VAL B 49 -37.71 -10.22 -22.79
CA VAL B 49 -37.85 -11.49 -23.49
C VAL B 49 -36.52 -12.03 -23.98
N VAL B 50 -35.64 -11.14 -24.44
CA VAL B 50 -34.37 -11.56 -25.07
C VAL B 50 -33.16 -11.53 -24.15
N GLU B 51 -33.27 -10.89 -22.98
CA GLU B 51 -32.22 -10.95 -21.95
C GLU B 51 -32.83 -11.24 -20.57
N PRO B 52 -33.57 -12.35 -20.44
CA PRO B 52 -34.22 -12.71 -19.17
C PRO B 52 -33.24 -13.15 -18.07
N HIS B 53 -32.03 -13.50 -18.48
CA HIS B 53 -30.84 -13.64 -17.63
C HIS B 53 -30.21 -12.35 -17.07
N LEU B 54 -30.64 -11.19 -17.57
CA LEU B 54 -30.13 -9.87 -17.13
C LEU B 54 -31.19 -8.85 -16.73
N ASN B 55 -32.46 -9.11 -17.08
CA ASN B 55 -33.58 -8.29 -16.61
C ASN B 55 -34.89 -9.07 -16.71
N GLY B 56 -35.96 -8.43 -16.29
CA GLY B 56 -37.30 -9.02 -16.34
C GLY B 56 -38.31 -7.98 -15.94
N PRO B 57 -39.62 -8.26 -16.15
CA PRO B 57 -40.68 -7.30 -15.85
C PRO B 57 -40.86 -6.92 -14.36
N ALA B 58 -40.39 -7.77 -13.45
CA ALA B 58 -40.50 -7.53 -12.00
C ALA B 58 -39.24 -6.87 -11.41
N GLY B 59 -38.34 -6.43 -12.28
CA GLY B 59 -37.15 -5.72 -11.87
C GLY B 59 -37.40 -4.23 -11.75
N GLU B 60 -36.37 -3.46 -12.06
CA GLU B 60 -36.37 -2.02 -11.86
C GLU B 60 -35.66 -1.34 -13.02
N VAL B 61 -35.84 -0.02 -13.13
CA VAL B 61 -35.16 0.78 -14.14
C VAL B 61 -35.15 2.26 -13.74
N PRO B 62 -33.97 2.93 -13.81
CA PRO B 62 -33.93 4.38 -13.92
C PRO B 62 -33.97 4.82 -15.37
N ILE B 63 -34.75 5.87 -15.65
CA ILE B 63 -34.89 6.43 -16.99
C ILE B 63 -34.51 7.90 -16.90
N LEU B 64 -33.53 8.31 -17.70
CA LEU B 64 -33.23 9.71 -17.94
C LEU B 64 -33.87 10.09 -19.26
N LEU B 65 -34.62 11.19 -19.27
CA LEU B 65 -35.26 11.67 -20.48
C LEU B 65 -34.82 13.12 -20.73
N ALA B 66 -34.66 13.46 -22.01
CA ALA B 66 -34.33 14.82 -22.43
C ALA B 66 -35.27 15.21 -23.57
N PRO B 67 -36.51 15.59 -23.25
CA PRO B 67 -37.42 16.02 -24.32
C PRO B 67 -36.88 17.22 -25.08
N ALA B 68 -37.23 17.30 -26.36
CA ALA B 68 -36.65 18.25 -27.30
C ALA B 68 -36.34 19.62 -26.70
N GLY B 69 -37.38 20.34 -26.30
CA GLY B 69 -37.20 21.70 -25.80
C GLY B 69 -36.78 21.81 -24.35
N GLY B 70 -37.22 20.85 -23.53
CA GLY B 70 -37.33 21.03 -22.08
C GLY B 70 -36.16 20.59 -21.23
N GLU B 71 -36.42 20.42 -19.94
CA GLU B 71 -35.39 20.03 -18.98
C GLU B 71 -35.13 18.53 -18.98
N VAL B 72 -33.90 18.21 -18.62
CA VAL B 72 -33.50 16.84 -18.35
C VAL B 72 -34.18 16.39 -17.07
N ARG B 73 -34.63 15.14 -17.06
CA ARG B 73 -35.51 14.66 -16.02
C ARG B 73 -35.25 13.17 -15.76
N VAL B 74 -35.32 12.78 -14.49
CA VAL B 74 -35.14 11.39 -14.05
C VAL B 74 -36.51 10.83 -13.73
N LEU B 75 -36.77 9.61 -14.21
CA LEU B 75 -37.98 8.87 -13.90
C LEU B 75 -37.58 7.63 -13.12
N CYS B 76 -37.95 7.63 -11.84
CA CYS B 76 -37.50 6.63 -10.90
C CYS B 76 -38.40 5.40 -10.92
N GLY B 77 -37.88 4.32 -11.49
CA GLY B 77 -38.52 3.01 -11.42
C GLY B 77 -37.72 2.04 -10.56
N GLN B 78 -37.06 2.57 -9.54
CA GLN B 78 -36.44 1.75 -8.50
C GLN B 78 -37.40 1.70 -7.31
N GLY B 79 -37.98 0.53 -7.08
CA GLY B 79 -38.89 0.32 -5.99
C GLY B 79 -38.21 0.16 -4.64
N VAL B 80 -39.02 0.20 -3.60
CA VAL B 80 -38.55 0.27 -2.22
C VAL B 80 -38.57 -1.11 -1.57
N ALA B 81 -37.92 -1.19 -0.42
CA ALA B 81 -38.04 -2.35 0.46
C ALA B 81 -39.47 -2.41 1.01
N PRO B 82 -40.01 -3.64 1.24
CA PRO B 82 -41.33 -3.76 1.85
C PRO B 82 -41.45 -3.11 3.24
N ALA B 83 -42.69 -2.80 3.64
CA ALA B 83 -43.00 -2.27 4.97
C ALA B 83 -42.42 -3.10 6.12
N GLY B 84 -42.46 -4.43 5.96
CA GLY B 84 -41.91 -5.36 6.95
C GLY B 84 -40.43 -5.69 6.82
N ALA B 85 -39.74 -5.12 5.83
CA ALA B 85 -38.35 -5.47 5.56
C ALA B 85 -37.39 -4.73 6.48
N THR B 86 -37.36 -5.12 7.75
CA THR B 86 -36.49 -4.45 8.75
C THR B 86 -35.17 -5.21 8.94
N VAL B 87 -34.15 -4.47 9.40
CA VAL B 87 -32.86 -5.07 9.76
C VAL B 87 -33.09 -6.10 10.86
N ALA B 88 -33.80 -5.68 11.90
CA ALA B 88 -34.19 -6.54 13.03
C ALA B 88 -34.71 -7.90 12.56
N HIS B 89 -35.62 -7.85 11.60
CA HIS B 89 -36.29 -9.05 11.09
C HIS B 89 -35.38 -9.98 10.32
N TYR B 90 -34.63 -9.41 9.37
CA TYR B 90 -33.67 -10.17 8.56
C TYR B 90 -32.59 -10.75 9.48
N LYS B 91 -32.16 -9.96 10.46
CA LYS B 91 -31.29 -10.42 11.55
C LYS B 91 -31.91 -11.56 12.38
N GLY B 92 -33.22 -11.45 12.65
CA GLY B 92 -33.96 -12.51 13.34
C GLY B 92 -33.84 -13.88 12.69
N LEU B 93 -33.70 -13.87 11.36
CA LEU B 93 -33.50 -15.08 10.56
C LEU B 93 -32.02 -15.54 10.48
N GLY B 94 -31.17 -15.00 11.35
CA GLY B 94 -29.76 -15.43 11.44
C GLY B 94 -28.90 -15.11 10.23
N LEU B 95 -29.17 -13.96 9.60
CA LEU B 95 -28.53 -13.53 8.36
C LEU B 95 -27.63 -12.33 8.61
N ASP B 96 -26.36 -12.44 8.26
CA ASP B 96 -25.41 -11.32 8.35
C ASP B 96 -25.50 -10.38 7.13
N LEU B 97 -25.85 -10.97 5.98
CA LEU B 97 -26.06 -10.24 4.72
C LEU B 97 -27.45 -10.52 4.20
N VAL B 98 -27.98 -9.62 3.37
CA VAL B 98 -29.23 -9.90 2.67
C VAL B 98 -28.88 -10.96 1.63
N PRO B 99 -29.69 -12.02 1.53
CA PRO B 99 -29.35 -13.07 0.56
C PRO B 99 -29.36 -12.60 -0.89
N GLY B 100 -28.52 -13.24 -1.70
CA GLY B 100 -28.38 -12.91 -3.11
C GLY B 100 -29.51 -13.43 -3.98
N THR B 101 -30.33 -14.31 -3.43
CA THR B 101 -31.51 -14.85 -4.11
C THR B 101 -32.71 -14.89 -3.19
N GLY B 102 -33.86 -15.24 -3.76
CA GLY B 102 -35.06 -15.52 -2.99
C GLY B 102 -35.91 -14.30 -2.75
N PRO B 103 -37.09 -14.48 -2.13
CA PRO B 103 -38.07 -13.40 -1.95
C PRO B 103 -37.70 -12.37 -0.87
N LEU B 104 -36.75 -12.68 -0.01
CA LEU B 104 -36.23 -11.67 0.94
C LEU B 104 -35.40 -10.57 0.25
N ALA B 105 -34.83 -10.86 -0.91
CA ALA B 105 -34.06 -9.87 -1.67
C ALA B 105 -34.90 -8.97 -2.60
N ALA B 106 -36.17 -9.33 -2.80
CA ALA B 106 -37.07 -8.60 -3.69
C ALA B 106 -37.47 -7.23 -3.16
N ALA B 107 -37.14 -6.17 -3.89
CA ALA B 107 -37.72 -4.86 -3.65
C ALA B 107 -39.11 -4.87 -4.27
N VAL B 108 -39.94 -3.88 -3.96
CA VAL B 108 -41.19 -3.72 -4.69
C VAL B 108 -40.80 -3.50 -6.15
N PRO B 109 -41.39 -4.27 -7.10
CA PRO B 109 -41.04 -4.05 -8.51
C PRO B 109 -41.40 -2.67 -9.04
N GLY B 110 -40.42 -1.98 -9.63
CA GLY B 110 -40.60 -0.60 -10.10
C GLY B 110 -40.59 -0.36 -11.60
N ALA B 111 -40.12 -1.34 -12.37
CA ALA B 111 -39.90 -1.16 -13.81
C ALA B 111 -41.19 -0.96 -14.60
N PHE B 112 -42.20 -1.77 -14.32
CA PHE B 112 -43.46 -1.69 -15.06
C PHE B 112 -44.15 -0.33 -14.96
N ASP B 113 -44.39 0.13 -13.74
CA ASP B 113 -45.04 1.42 -13.51
C ASP B 113 -44.26 2.57 -14.16
N ALA B 114 -42.94 2.49 -14.10
CA ALA B 114 -42.04 3.48 -14.71
C ALA B 114 -42.23 3.60 -16.22
N TRP B 115 -42.26 2.46 -16.90
CA TRP B 115 -42.53 2.43 -18.34
C TRP B 115 -43.94 2.89 -18.68
N MET B 116 -44.89 2.59 -17.80
CA MET B 116 -46.28 3.04 -17.96
C MET B 116 -46.36 4.55 -17.82
N LEU B 117 -45.76 5.08 -16.76
CA LEU B 117 -45.65 6.53 -16.60
C LEU B 117 -44.99 7.20 -17.80
N LEU B 118 -43.93 6.58 -18.32
CA LEU B 118 -43.21 7.14 -19.47
C LEU B 118 -44.11 7.16 -20.70
N LEU B 119 -44.78 6.04 -20.95
CA LEU B 119 -45.73 5.95 -22.06
C LEU B 119 -46.84 7.00 -21.95
N ARG B 120 -47.35 7.22 -20.73
CA ARG B 120 -48.57 8.01 -20.53
C ARG B 120 -48.31 9.52 -20.56
N ASP B 121 -47.15 9.98 -20.09
CA ASP B 121 -46.80 11.42 -20.12
C ASP B 121 -46.06 11.85 -21.39
N HIS B 122 -45.17 10.99 -21.88
CA HIS B 122 -44.23 11.34 -22.97
C HIS B 122 -44.39 10.56 -24.28
N GLY B 123 -45.15 9.46 -24.23
CA GLY B 123 -45.45 8.68 -25.43
C GLY B 123 -46.67 9.19 -26.20
N THR B 124 -46.84 8.64 -27.39
CA THR B 124 -47.98 8.91 -28.28
C THR B 124 -48.77 7.66 -28.71
N LYS B 125 -48.21 6.48 -28.48
CA LYS B 125 -48.80 5.23 -28.97
C LYS B 125 -49.56 4.48 -27.88
N PRO B 126 -50.54 3.64 -28.28
CA PRO B 126 -51.26 2.84 -27.28
C PRO B 126 -50.39 1.70 -26.77
N LEU B 127 -50.76 1.19 -25.60
CA LEU B 127 -50.02 0.12 -24.92
C LEU B 127 -49.88 -1.11 -25.83
N ALA B 128 -50.96 -1.44 -26.53
CA ALA B 128 -51.00 -2.60 -27.44
C ALA B 128 -49.99 -2.51 -28.59
N ASP B 129 -49.89 -1.33 -29.21
CA ASP B 129 -48.99 -1.13 -30.36
C ASP B 129 -47.51 -1.15 -29.94
N VAL B 130 -47.24 -0.75 -28.70
CA VAL B 130 -45.89 -0.61 -28.23
C VAL B 130 -45.35 -1.92 -27.68
N LEU B 131 -46.20 -2.77 -27.09
CA LEU B 131 -45.70 -4.07 -26.63
C LEU B 131 -46.11 -5.30 -27.45
N LYS B 132 -46.54 -5.12 -28.70
CA LYS B 132 -46.75 -6.27 -29.61
C LYS B 132 -45.45 -7.02 -29.95
N TYR B 133 -44.34 -6.30 -29.96
CA TYR B 133 -43.04 -6.87 -30.31
C TYR B 133 -42.61 -7.93 -29.32
N ALA B 134 -42.64 -7.57 -28.04
CA ALA B 134 -42.33 -8.50 -26.93
C ALA B 134 -43.26 -9.71 -26.88
N VAL B 135 -44.56 -9.46 -27.01
CA VAL B 135 -45.59 -10.53 -27.06
C VAL B 135 -45.24 -11.55 -28.15
N GLY B 136 -45.01 -11.04 -29.36
CA GLY B 136 -44.59 -11.85 -30.51
C GLY B 136 -43.36 -12.71 -30.25
N TYR B 137 -42.30 -12.12 -29.70
CA TYR B 137 -41.10 -12.89 -29.35
C TYR B 137 -41.35 -13.90 -28.21
N ALA B 138 -42.26 -13.56 -27.31
CA ALA B 138 -42.62 -14.45 -26.20
C ALA B 138 -43.36 -15.72 -26.64
N GLU B 139 -44.40 -15.57 -27.46
CA GLU B 139 -45.17 -16.76 -27.90
C GLU B 139 -44.56 -17.49 -29.10
N HIS B 140 -44.07 -16.73 -30.10
CA HIS B 140 -43.57 -17.34 -31.36
C HIS B 140 -42.07 -17.63 -31.38
N GLY B 141 -41.34 -16.95 -30.50
CA GLY B 141 -39.98 -17.33 -30.16
C GLY B 141 -38.93 -16.41 -30.72
N HIS B 142 -37.71 -16.57 -30.21
CA HIS B 142 -36.53 -15.92 -30.75
C HIS B 142 -35.35 -16.85 -30.58
N ALA B 143 -34.37 -16.73 -31.47
CA ALA B 143 -33.15 -17.53 -31.40
C ALA B 143 -32.21 -16.90 -30.38
N PRO B 144 -31.99 -17.57 -29.24
CA PRO B 144 -31.27 -16.88 -28.17
C PRO B 144 -29.77 -16.88 -28.28
N VAL B 145 -29.23 -15.99 -27.47
CA VAL B 145 -27.82 -15.83 -27.24
C VAL B 145 -27.36 -16.96 -26.29
N GLU B 146 -26.14 -17.47 -26.48
CA GLU B 146 -25.58 -18.57 -25.65
C GLU B 146 -25.83 -18.38 -24.17
N ASN B 147 -25.54 -17.17 -23.68
CA ASN B 147 -25.65 -16.85 -22.25
C ASN B 147 -27.00 -17.15 -21.59
N VAL B 148 -28.08 -17.18 -22.36
CA VAL B 148 -29.39 -17.53 -21.82
C VAL B 148 -29.40 -18.97 -21.30
N GLY B 149 -28.88 -19.88 -22.11
CA GLY B 149 -28.91 -21.31 -21.83
C GLY B 149 -27.80 -21.74 -20.90
N VAL B 150 -26.60 -21.21 -21.09
CA VAL B 150 -25.50 -21.40 -20.14
C VAL B 150 -25.95 -20.99 -18.74
N THR B 151 -26.75 -19.93 -18.65
CA THR B 151 -27.23 -19.42 -17.36
C THR B 151 -28.20 -20.37 -16.68
N VAL B 152 -29.15 -20.91 -17.44
CA VAL B 152 -30.08 -21.94 -16.97
C VAL B 152 -29.39 -23.22 -16.51
N GLU B 153 -28.46 -23.76 -17.31
CA GLU B 153 -27.68 -24.96 -16.96
C GLU B 153 -26.96 -24.83 -15.63
N THR B 154 -26.27 -23.69 -15.46
CA THR B 154 -25.59 -23.32 -14.22
C THR B 154 -26.49 -23.45 -12.97
N VAL B 155 -27.78 -23.15 -13.13
CA VAL B 155 -28.76 -23.14 -12.05
C VAL B 155 -29.78 -24.29 -12.18
N ARG B 156 -29.36 -25.38 -12.86
CA ARG B 156 -30.26 -26.50 -13.19
C ARG B 156 -30.73 -27.28 -11.96
N GLU B 157 -29.77 -27.73 -11.15
CA GLU B 157 -30.06 -28.49 -9.93
C GLU B 157 -31.10 -27.76 -9.09
N LEU B 158 -30.83 -26.49 -8.83
CA LEU B 158 -31.70 -25.61 -8.07
C LEU B 158 -33.12 -25.49 -8.67
N PHE B 159 -33.20 -25.37 -9.99
CA PHE B 159 -34.50 -25.35 -10.68
C PHE B 159 -35.21 -26.71 -10.53
N GLU B 160 -34.43 -27.78 -10.70
CA GLU B 160 -34.96 -29.15 -10.67
C GLU B 160 -35.43 -29.58 -9.27
N THR B 161 -34.58 -29.38 -8.28
CA THR B 161 -34.83 -29.83 -6.92
C THR B 161 -35.70 -28.91 -6.08
N GLU B 162 -35.87 -27.67 -6.52
CA GLU B 162 -36.27 -26.61 -5.58
C GLU B 162 -37.18 -25.54 -6.19
N TRP B 163 -36.73 -24.83 -7.23
CA TRP B 163 -37.56 -23.82 -7.92
C TRP B 163 -38.23 -24.44 -9.16
N THR B 164 -39.17 -25.35 -8.93
CA THR B 164 -39.74 -26.15 -10.02
C THR B 164 -40.60 -25.35 -11.01
N THR B 165 -41.13 -24.21 -10.57
CA THR B 165 -41.91 -23.33 -11.45
C THR B 165 -41.03 -22.69 -12.52
N SER B 166 -39.76 -22.47 -12.19
CA SER B 166 -38.76 -21.97 -13.13
C SER B 166 -38.37 -23.05 -14.14
N ALA B 167 -38.20 -24.29 -13.64
CA ALA B 167 -37.98 -25.48 -14.46
C ALA B 167 -39.08 -25.69 -15.50
N ASP B 168 -40.33 -25.44 -15.10
CA ASP B 168 -41.49 -25.51 -16.01
C ASP B 168 -41.33 -24.63 -17.24
N VAL B 169 -40.80 -23.42 -17.04
CA VAL B 169 -40.62 -22.44 -18.11
C VAL B 169 -39.30 -22.65 -18.87
N TYR B 170 -38.22 -22.85 -18.13
CA TYR B 170 -36.87 -22.82 -18.70
C TYR B 170 -36.19 -24.18 -18.89
N LEU B 171 -36.81 -25.25 -18.37
CA LEU B 171 -36.36 -26.62 -18.63
C LEU B 171 -37.54 -27.51 -19.03
N PRO B 172 -38.30 -27.11 -20.08
CA PRO B 172 -39.40 -27.96 -20.57
C PRO B 172 -38.88 -29.31 -21.06
N GLY B 173 -39.35 -30.39 -20.42
CA GLY B 173 -38.84 -31.73 -20.67
C GLY B 173 -37.37 -31.94 -20.29
N GLY B 174 -36.86 -31.13 -19.37
CA GLY B 174 -35.45 -31.16 -18.99
C GLY B 174 -34.46 -30.58 -20.00
N LYS B 175 -34.95 -29.83 -20.98
CA LYS B 175 -34.11 -29.24 -22.03
C LYS B 175 -33.95 -27.74 -21.78
N ALA B 176 -32.71 -27.30 -21.58
CA ALA B 176 -32.37 -25.89 -21.48
C ALA B 176 -32.49 -25.20 -22.85
N PRO B 177 -32.61 -23.85 -22.87
CA PRO B 177 -32.54 -23.07 -24.10
C PRO B 177 -31.28 -23.36 -24.91
N ARG B 178 -31.43 -23.51 -26.22
CA ARG B 178 -30.33 -23.81 -27.10
C ARG B 178 -30.24 -22.72 -28.18
N PRO B 179 -29.02 -22.27 -28.51
CA PRO B 179 -28.82 -21.32 -29.60
C PRO B 179 -29.21 -21.92 -30.94
N GLY B 180 -29.79 -21.09 -31.79
CA GLY B 180 -30.24 -21.51 -33.10
C GLY B 180 -31.59 -22.21 -33.11
N GLU B 181 -32.25 -22.28 -31.95
CA GLU B 181 -33.60 -22.84 -31.85
C GLU B 181 -34.48 -21.81 -31.19
N LEU B 182 -35.77 -21.84 -31.52
CA LEU B 182 -36.71 -20.86 -30.97
C LEU B 182 -37.01 -21.10 -29.49
N LEU B 183 -36.58 -20.15 -28.66
CA LEU B 183 -36.91 -20.13 -27.24
C LEU B 183 -38.22 -19.39 -27.05
N ARG B 184 -39.10 -19.95 -26.22
CA ARG B 184 -40.40 -19.34 -25.95
C ARG B 184 -40.71 -19.25 -24.47
N ASN B 185 -41.69 -18.40 -24.19
CA ASN B 185 -42.27 -18.22 -22.86
C ASN B 185 -43.74 -17.85 -23.10
N PRO B 186 -44.59 -18.85 -23.37
CA PRO B 186 -46.01 -18.56 -23.65
C PRO B 186 -46.79 -18.00 -22.47
N THR B 187 -46.38 -18.33 -21.25
CA THR B 187 -47.03 -17.82 -20.05
C THR B 187 -46.82 -16.29 -19.90
N LEU B 188 -45.59 -15.82 -20.12
CA LEU B 188 -45.29 -14.36 -20.19
C LEU B 188 -46.08 -13.66 -21.30
N ALA B 189 -46.20 -14.30 -22.46
CA ALA B 189 -47.02 -13.76 -23.57
C ALA B 189 -48.50 -13.63 -23.17
N ALA B 190 -49.04 -14.69 -22.56
CA ALA B 190 -50.43 -14.68 -22.04
C ALA B 190 -50.71 -13.55 -21.04
N THR B 191 -49.71 -13.28 -20.20
CA THR B 191 -49.78 -12.24 -19.16
C THR B 191 -50.04 -10.85 -19.73
N TRP B 192 -49.26 -10.45 -20.75
CA TRP B 192 -49.46 -9.15 -21.40
C TRP B 192 -50.75 -9.12 -22.22
N LYS B 193 -51.09 -10.25 -22.82
CA LYS B 193 -52.36 -10.37 -23.55
C LYS B 193 -53.58 -10.15 -22.66
N ARG B 194 -53.53 -10.71 -21.45
CA ARG B 194 -54.62 -10.53 -20.50
C ARG B 194 -54.68 -9.08 -20.04
N LEU B 195 -53.52 -8.55 -19.64
CA LEU B 195 -53.37 -7.14 -19.30
C LEU B 195 -53.97 -6.25 -20.38
N LEU B 196 -53.55 -6.49 -21.63
CA LEU B 196 -54.09 -5.75 -22.77
C LEU B 196 -55.61 -5.92 -22.92
N ALA B 197 -56.10 -7.13 -22.72
CA ALA B 197 -57.54 -7.42 -22.81
C ALA B 197 -58.38 -6.68 -21.76
N GLU B 198 -58.03 -6.85 -20.48
CA GLU B 198 -58.82 -6.24 -19.40
C GLU B 198 -58.50 -4.75 -19.15
N VAL B 199 -57.66 -4.17 -20.01
CA VAL B 199 -57.43 -2.74 -20.09
C VAL B 199 -58.03 -2.10 -21.36
N ALA B 200 -58.32 -2.92 -22.37
CA ALA B 200 -58.76 -2.48 -23.70
C ALA B 200 -59.92 -1.48 -23.68
N GLY B 201 -60.94 -1.77 -22.89
CA GLY B 201 -62.16 -0.93 -22.85
C GLY B 201 -62.16 0.15 -21.79
N ALA B 202 -60.98 0.58 -21.35
CA ALA B 202 -60.85 1.54 -20.25
C ALA B 202 -61.19 2.97 -20.66
N GLY B 203 -60.96 3.30 -21.92
CA GLY B 203 -61.27 4.63 -22.46
C GLY B 203 -60.26 5.11 -23.48
N ASP B 204 -59.81 6.35 -23.32
CA ASP B 204 -58.76 6.91 -24.18
C ASP B 204 -57.39 6.28 -23.88
N ARG B 205 -56.46 6.56 -24.79
CA ARG B 205 -55.04 6.21 -24.67
C ARG B 205 -54.49 6.21 -23.23
N GLU B 206 -54.58 7.35 -22.56
CA GLU B 206 -53.97 7.53 -21.23
C GLU B 206 -54.66 6.69 -20.15
N ALA B 207 -55.97 6.53 -20.29
CA ALA B 207 -56.78 5.78 -19.33
C ALA B 207 -56.51 4.26 -19.37
N GLN B 208 -56.14 3.76 -20.55
CA GLN B 208 -55.75 2.35 -20.73
C GLN B 208 -54.44 2.06 -19.99
N ILE B 209 -53.48 2.97 -20.16
CA ILE B 209 -52.19 2.88 -19.49
C ILE B 209 -52.38 3.01 -17.97
N GLU B 210 -53.19 3.99 -17.57
CA GLU B 210 -53.53 4.21 -16.17
C GLU B 210 -54.21 2.99 -15.55
N ALA B 211 -54.98 2.27 -16.36
CA ALA B 211 -55.61 1.01 -15.93
C ALA B 211 -54.60 -0.13 -15.77
N ALA B 212 -53.68 -0.27 -16.75
CA ALA B 212 -52.58 -1.26 -16.70
C ALA B 212 -51.69 -1.12 -15.46
N ARG B 213 -51.54 0.10 -14.99
CA ARG B 213 -50.79 0.38 -13.78
C ARG B 213 -51.48 -0.27 -12.58
N GLU B 214 -52.79 -0.08 -12.49
CA GLU B 214 -53.59 -0.68 -11.42
C GLU B 214 -53.67 -2.20 -11.52
N VAL B 215 -53.66 -2.74 -12.74
CA VAL B 215 -53.62 -4.19 -12.92
C VAL B 215 -52.33 -4.77 -12.34
N TRP B 216 -51.19 -4.15 -12.66
CA TRP B 216 -49.92 -4.53 -12.06
C TRP B 216 -49.98 -4.37 -10.54
N ARG B 217 -50.49 -3.22 -10.13
CA ARG B 217 -50.49 -2.76 -8.73
C ARG B 217 -51.43 -3.52 -7.80
N THR B 218 -52.69 -3.69 -8.24
CA THR B 218 -53.76 -4.34 -7.44
C THR B 218 -54.51 -5.50 -8.13
N GLY B 219 -54.19 -5.78 -9.39
CA GLY B 219 -54.92 -6.79 -10.18
C GLY B 219 -54.36 -8.20 -9.99
N PHE B 220 -54.44 -8.99 -11.05
CA PHE B 220 -54.05 -10.41 -10.98
C PHE B 220 -52.52 -10.62 -10.88
N ILE B 221 -51.77 -9.65 -11.42
CA ILE B 221 -50.31 -9.67 -11.35
C ILE B 221 -49.88 -9.52 -9.89
N ALA B 222 -50.36 -8.48 -9.22
CA ALA B 222 -50.06 -8.27 -7.79
C ALA B 222 -50.43 -9.49 -6.94
N GLU B 223 -51.62 -10.05 -7.18
CA GLU B 223 -52.10 -11.25 -6.49
C GLU B 223 -51.06 -12.37 -6.54
N ALA B 224 -50.60 -12.65 -7.76
CA ALA B 224 -49.57 -13.67 -8.01
C ALA B 224 -48.21 -13.41 -7.34
N LEU B 225 -47.77 -12.15 -7.36
CA LEU B 225 -46.44 -11.77 -6.85
C LEU B 225 -46.36 -11.96 -5.34
N VAL B 226 -47.40 -11.47 -4.66
CA VAL B 226 -47.54 -11.58 -3.22
C VAL B 226 -47.63 -13.06 -2.84
N ARG B 227 -48.55 -13.77 -3.50
CA ARG B 227 -48.71 -15.21 -3.31
C ARG B 227 -47.37 -15.94 -3.40
N GLN B 228 -46.56 -15.57 -4.38
CA GLN B 228 -45.24 -16.18 -4.60
C GLN B 228 -44.22 -15.77 -3.54
N ALA B 229 -44.24 -14.50 -3.15
CA ALA B 229 -43.33 -13.98 -2.13
C ALA B 229 -43.60 -14.61 -0.76
N ARG B 230 -44.88 -14.84 -0.47
CA ARG B 230 -45.31 -15.51 0.76
C ARG B 230 -45.09 -17.06 0.79
N ARG B 231 -44.44 -17.62 -0.24
CA ARG B 231 -44.11 -19.05 -0.31
C ARG B 231 -42.65 -19.34 0.07
N PRO B 232 -42.42 -20.23 1.06
CA PRO B 232 -41.05 -20.58 1.48
C PRO B 232 -40.17 -21.03 0.32
N THR B 233 -39.01 -20.38 0.17
CA THR B 233 -38.18 -20.53 -1.00
C THR B 233 -36.70 -20.61 -0.60
N MET B 234 -36.04 -21.68 -1.04
CA MET B 234 -34.59 -21.83 -0.87
C MET B 234 -33.85 -20.65 -1.45
N ASP B 235 -32.90 -20.12 -0.69
CA ASP B 235 -32.04 -19.04 -1.17
C ASP B 235 -30.57 -19.32 -0.83
N THR B 236 -29.69 -18.35 -1.08
CA THR B 236 -28.24 -18.48 -0.84
C THR B 236 -27.84 -18.87 0.61
N SER B 237 -28.71 -18.56 1.57
CA SER B 237 -28.56 -18.98 2.96
C SER B 237 -28.43 -20.50 3.11
N GLY B 238 -29.28 -21.24 2.39
CA GLY B 238 -29.40 -22.69 2.51
C GLY B 238 -30.70 -23.11 3.18
N GLU B 239 -31.39 -22.14 3.76
CA GLU B 239 -32.74 -22.31 4.30
C GLU B 239 -33.76 -21.80 3.32
N ARG B 240 -35.02 -22.15 3.58
CA ARG B 240 -36.16 -21.70 2.80
C ARG B 240 -36.86 -20.54 3.50
N HIS B 241 -36.67 -19.35 2.96
CA HIS B 241 -37.23 -18.15 3.56
C HIS B 241 -38.43 -17.66 2.78
N THR B 242 -39.24 -16.88 3.47
CA THR B 242 -40.42 -16.23 2.90
C THR B 242 -40.13 -14.72 2.89
N GLY B 243 -40.80 -13.99 2.00
CA GLY B 243 -40.63 -12.55 1.87
C GLY B 243 -41.68 -11.77 2.63
N THR B 244 -41.32 -10.56 3.05
CA THR B 244 -42.22 -9.71 3.85
C THR B 244 -43.20 -8.90 2.99
N LEU B 245 -43.03 -8.96 1.67
CA LEU B 245 -43.88 -8.31 0.68
C LEU B 245 -45.37 -8.54 0.93
N THR B 246 -46.17 -7.48 0.78
CA THR B 246 -47.62 -7.55 1.01
C THR B 246 -48.36 -6.86 -0.13
N ALA B 247 -49.68 -7.07 -0.15
CA ALA B 247 -50.56 -6.40 -1.12
C ALA B 247 -50.40 -4.88 -1.08
N ALA B 248 -50.43 -4.33 0.14
CA ALA B 248 -50.32 -2.87 0.35
C ALA B 248 -49.00 -2.26 -0.12
N ASP B 249 -47.89 -3.00 0.01
CA ASP B 249 -46.59 -2.53 -0.50
C ASP B 249 -46.73 -2.19 -1.98
N LEU B 250 -47.25 -3.16 -2.75
CA LEU B 250 -47.48 -2.99 -4.18
C LEU B 250 -48.51 -1.91 -4.47
N ALA B 251 -49.62 -1.96 -3.74
CA ALA B 251 -50.72 -1.00 -3.89
C ALA B 251 -50.29 0.46 -3.70
N GLY B 252 -49.45 0.71 -2.71
CA GLY B 252 -49.01 2.07 -2.36
C GLY B 252 -47.98 2.71 -3.29
N TRP B 253 -47.14 1.89 -3.91
CA TRP B 253 -45.96 2.39 -4.63
C TRP B 253 -46.27 2.81 -6.08
N SER B 254 -45.66 3.92 -6.48
CA SER B 254 -45.66 4.39 -7.87
C SER B 254 -44.24 4.76 -8.24
N ALA B 255 -43.96 4.79 -9.53
CA ALA B 255 -42.73 5.39 -10.04
C ALA B 255 -42.86 6.91 -9.90
N THR B 256 -41.75 7.58 -9.59
CA THR B 256 -41.73 9.04 -9.42
C THR B 256 -40.74 9.72 -10.36
N TYR B 257 -40.94 11.04 -10.51
CA TYR B 257 -40.08 11.92 -11.28
C TYR B 257 -39.22 12.71 -10.30
N GLU B 258 -37.97 12.96 -10.68
CA GLU B 258 -37.11 13.84 -9.90
C GLU B 258 -36.09 14.52 -10.79
N ALA B 259 -35.45 15.54 -10.23
CA ALA B 259 -34.38 16.24 -10.89
C ALA B 259 -33.18 15.30 -10.97
N PRO B 260 -32.32 15.49 -11.98
CA PRO B 260 -31.08 14.75 -12.06
C PRO B 260 -30.00 15.30 -11.13
N ALA B 261 -29.01 14.48 -10.84
CA ALA B 261 -27.75 14.97 -10.29
C ALA B 261 -26.93 15.39 -11.48
N THR B 262 -26.30 16.55 -11.41
CA THR B 262 -25.55 17.13 -12.53
C THR B 262 -24.19 17.66 -12.09
N TYR B 263 -23.22 17.59 -12.98
CA TYR B 263 -21.92 18.21 -12.76
C TYR B 263 -21.41 18.79 -14.06
N ASP B 264 -21.07 20.07 -14.02
CA ASP B 264 -20.47 20.77 -15.14
C ASP B 264 -18.97 20.48 -15.25
N TRP B 265 -18.53 20.06 -16.44
CA TRP B 265 -17.12 19.74 -16.69
C TRP B 265 -16.69 20.05 -18.12
N ASN B 266 -15.71 20.97 -18.25
CA ASN B 266 -14.98 21.20 -19.51
C ASN B 266 -15.93 21.49 -20.70
N GLY B 267 -16.92 22.35 -20.45
CA GLY B 267 -17.94 22.67 -21.44
C GLY B 267 -19.15 21.75 -21.51
N TRP B 268 -19.09 20.59 -20.82
CA TRP B 268 -20.20 19.64 -20.75
C TRP B 268 -20.89 19.71 -19.41
N THR B 269 -22.09 19.12 -19.39
CA THR B 269 -22.82 18.83 -18.17
C THR B 269 -23.21 17.38 -18.29
N VAL B 270 -22.82 16.56 -17.33
CA VAL B 270 -23.29 15.17 -17.28
C VAL B 270 -24.45 15.09 -16.30
N CYS B 271 -25.51 14.39 -16.70
CA CYS B 271 -26.71 14.18 -15.89
C CYS B 271 -26.85 12.71 -15.51
N LYS B 272 -27.32 12.47 -14.29
CA LYS B 272 -27.44 11.13 -13.68
C LYS B 272 -28.62 11.08 -12.70
N ALA B 273 -28.94 9.87 -12.23
CA ALA B 273 -29.92 9.70 -11.14
C ALA B 273 -29.27 10.05 -9.81
N GLY B 274 -30.07 10.44 -8.85
CA GLY B 274 -29.62 10.80 -7.53
C GLY B 274 -28.98 9.72 -6.74
N PRO B 275 -28.42 10.03 -5.60
CA PRO B 275 -27.72 9.01 -4.78
C PRO B 275 -28.43 7.76 -4.25
N TRP B 276 -29.70 7.52 -4.51
CA TRP B 276 -30.33 6.28 -4.20
C TRP B 276 -29.70 5.34 -5.25
N SER B 277 -29.18 5.90 -6.28
CA SER B 277 -28.43 5.16 -7.24
C SER B 277 -26.93 5.41 -7.02
N GLN B 278 -26.10 4.72 -7.74
CA GLN B 278 -24.69 4.97 -7.68
C GLN B 278 -24.31 6.07 -8.67
N GLY B 279 -25.24 6.67 -9.37
CA GLY B 279 -24.99 7.61 -10.43
C GLY B 279 -24.10 8.78 -10.22
N PRO B 280 -24.12 9.39 -9.06
CA PRO B 280 -23.25 10.50 -8.74
C PRO B 280 -21.75 10.19 -8.65
N VAL B 281 -21.36 8.93 -8.54
CA VAL B 281 -20.01 8.43 -8.52
C VAL B 281 -19.30 8.77 -9.83
N LEU B 282 -19.99 8.75 -10.96
CA LEU B 282 -19.44 9.20 -12.20
C LEU B 282 -19.18 10.70 -12.08
N LEU B 283 -20.12 11.42 -11.49
CA LEU B 283 -20.02 12.85 -11.23
C LEU B 283 -18.85 13.19 -10.29
N GLN B 284 -18.71 12.41 -9.22
CA GLN B 284 -17.60 12.58 -8.28
C GLN B 284 -16.23 12.31 -8.92
N GLN B 285 -16.19 11.38 -9.87
CA GLN B 285 -14.96 11.08 -10.62
C GLN B 285 -14.51 12.25 -11.50
N LEU B 286 -15.47 12.95 -12.11
CA LEU B 286 -15.22 14.18 -12.87
C LEU B 286 -14.72 15.32 -11.99
N ALA B 287 -15.33 15.47 -10.81
CA ALA B 287 -14.95 16.52 -9.86
C ALA B 287 -13.50 16.40 -9.38
N LEU B 288 -13.04 15.18 -9.22
CA LEU B 288 -11.64 14.87 -8.84
C LEU B 288 -10.59 15.25 -9.86
N LEU B 289 -10.99 15.37 -11.13
CA LEU B 289 -10.04 15.58 -12.21
C LEU B 289 -9.36 16.96 -12.10
N PRO B 290 -8.04 17.01 -12.29
CA PRO B 290 -7.40 18.31 -12.38
C PRO B 290 -7.67 18.91 -13.77
N PRO B 291 -7.60 20.26 -13.90
CA PRO B 291 -7.91 20.92 -15.18
C PRO B 291 -7.05 20.43 -16.33
N GLU B 292 -5.80 20.11 -16.00
CA GLU B 292 -4.75 19.70 -16.92
C GLU B 292 -4.59 18.19 -16.89
N LEU B 293 -5.26 17.49 -17.80
CA LEU B 293 -5.22 16.03 -17.78
C LEU B 293 -3.98 15.51 -18.49
N PRO B 294 -3.51 14.30 -18.14
CA PRO B 294 -2.50 13.64 -18.97
C PRO B 294 -3.03 13.29 -20.37
N GLU B 295 -2.14 12.81 -21.24
CA GLU B 295 -2.49 12.48 -22.64
C GLU B 295 -3.47 11.33 -22.69
N TYR B 296 -4.41 11.41 -23.63
CA TYR B 296 -5.59 10.54 -23.63
C TYR B 296 -5.31 9.06 -23.36
N GLY B 297 -4.51 8.38 -24.15
CA GLY B 297 -4.40 6.91 -23.98
C GLY B 297 -3.49 6.35 -22.89
N SER B 298 -2.80 7.23 -22.16
CA SER B 298 -1.57 6.83 -21.44
C SER B 298 -1.77 6.16 -20.07
N ALA B 299 -0.67 5.60 -19.58
CA ALA B 299 -0.60 4.96 -18.27
C ALA B 299 -0.87 5.94 -17.12
N ASP B 300 -0.36 7.15 -17.25
CA ASP B 300 -0.66 8.23 -16.30
C ASP B 300 -2.16 8.57 -16.27
N TYR B 301 -2.75 8.70 -17.46
CA TYR B 301 -4.21 8.89 -17.64
C TYR B 301 -4.99 7.78 -16.95
N VAL B 302 -4.61 6.53 -17.21
CA VAL B 302 -5.30 5.38 -16.61
C VAL B 302 -5.15 5.38 -15.09
N HIS B 303 -3.89 5.39 -14.64
CA HIS B 303 -3.54 5.50 -13.21
C HIS B 303 -4.36 6.56 -12.47
N LEU B 304 -4.37 7.78 -13.01
CA LEU B 304 -5.16 8.89 -12.45
C LEU B 304 -6.64 8.53 -12.29
N LEU B 305 -7.20 7.87 -13.30
CA LEU B 305 -8.63 7.48 -13.31
C LEU B 305 -8.97 6.35 -12.35
N VAL B 306 -8.01 5.47 -12.10
CA VAL B 306 -8.22 4.35 -11.18
C VAL B 306 -8.21 4.83 -9.73
N GLU B 307 -7.23 5.67 -9.39
CA GLU B 307 -7.14 6.21 -8.03
C GLU B 307 -8.35 7.07 -7.71
N GLY B 308 -8.62 8.05 -8.58
CA GLY B 308 -9.87 8.81 -8.55
C GLY B 308 -11.13 7.97 -8.35
N CYS B 309 -11.23 6.87 -9.09
CA CYS B 309 -12.36 5.95 -8.96
C CYS B 309 -12.42 5.27 -7.59
N LYS B 310 -11.29 4.76 -7.12
CA LYS B 310 -11.16 4.23 -5.74
C LYS B 310 -11.72 5.20 -4.70
N LEU B 311 -11.30 6.45 -4.83
CA LEU B 311 -11.74 7.54 -3.95
C LEU B 311 -13.24 7.82 -4.07
N ALA B 312 -13.73 7.96 -5.30
CA ALA B 312 -15.14 8.23 -5.51
C ALA B 312 -16.01 7.07 -5.02
N MET B 313 -15.56 5.84 -5.24
CA MET B 313 -16.30 4.65 -4.79
C MET B 313 -16.34 4.50 -3.28
N ALA B 314 -15.27 4.94 -2.60
CA ALA B 314 -15.25 5.01 -1.14
C ALA B 314 -16.35 5.93 -0.62
N ASP B 315 -16.50 7.09 -1.24
CA ASP B 315 -17.54 8.05 -0.88
C ASP B 315 -18.95 7.52 -1.13
N ARG B 316 -19.15 6.75 -2.20
CA ARG B 316 -20.50 6.20 -2.43
C ARG B 316 -20.86 5.16 -1.36
N GLU B 317 -19.86 4.38 -0.96
CA GLU B 317 -20.05 3.37 0.08
C GLU B 317 -20.37 4.02 1.41
N ALA B 318 -19.58 5.01 1.78
CA ALA B 318 -19.79 5.77 3.01
C ALA B 318 -21.10 6.55 3.02
N TRP B 319 -21.45 7.16 1.89
CA TRP B 319 -22.48 8.22 1.90
C TRP B 319 -23.77 7.97 1.13
N TYR B 320 -23.76 7.11 0.13
CA TYR B 320 -24.92 7.00 -0.76
C TYR B 320 -25.93 6.06 -0.19
N GLY B 321 -27.15 6.25 -0.64
CA GLY B 321 -28.27 5.41 -0.27
C GLY B 321 -29.52 6.25 -0.18
N ASP B 322 -30.55 5.64 0.38
CA ASP B 322 -31.84 6.28 0.56
C ASP B 322 -32.39 6.28 1.99
N ALA B 323 -31.60 5.81 2.96
CA ALA B 323 -32.00 5.87 4.37
C ALA B 323 -31.49 7.11 5.12
N ALA B 324 -30.83 8.03 4.42
CA ALA B 324 -30.39 9.31 5.03
C ALA B 324 -30.18 10.39 3.99
N GLU B 325 -29.96 11.61 4.45
CA GLU B 325 -29.60 12.72 3.57
C GLU B 325 -28.17 12.50 3.08
N VAL B 326 -27.97 12.65 1.78
CA VAL B 326 -26.65 12.54 1.19
C VAL B 326 -26.10 13.95 0.91
N PRO B 327 -24.87 14.25 1.39
CA PRO B 327 -24.31 15.58 1.24
C PRO B 327 -23.68 15.73 -0.13
N LEU B 328 -24.53 15.71 -1.16
CA LEU B 328 -24.07 15.60 -2.53
C LEU B 328 -23.38 16.86 -3.05
N ASP B 329 -23.97 18.01 -2.72
CA ASP B 329 -23.40 19.32 -3.07
C ASP B 329 -21.96 19.43 -2.58
N GLU B 330 -21.73 19.00 -1.34
CA GLU B 330 -20.41 19.06 -0.72
C GLU B 330 -19.39 18.11 -1.36
N LEU B 331 -19.83 16.91 -1.73
CA LEU B 331 -19.00 15.93 -2.42
C LEU B 331 -18.57 16.37 -3.83
N LEU B 332 -19.40 17.20 -4.46
CA LEU B 332 -19.12 17.81 -5.76
C LEU B 332 -18.48 19.19 -5.68
N SER B 333 -18.24 19.70 -4.47
CA SER B 333 -17.76 21.06 -4.29
C SER B 333 -16.26 21.14 -4.61
N ALA B 334 -15.85 22.30 -5.08
CA ALA B 334 -14.47 22.55 -5.45
C ALA B 334 -13.51 22.40 -4.25
N GLU B 335 -13.92 22.91 -3.09
CA GLU B 335 -13.11 22.84 -1.86
C GLU B 335 -12.81 21.40 -1.45
N TYR B 336 -13.86 20.59 -1.40
CA TYR B 336 -13.76 19.20 -0.98
C TYR B 336 -12.81 18.40 -1.88
N ASN B 337 -12.94 18.64 -3.18
CA ASN B 337 -12.23 17.89 -4.19
C ASN B 337 -10.79 18.36 -4.39
N ALA B 338 -10.54 19.64 -4.11
CA ALA B 338 -9.16 20.15 -4.02
C ALA B 338 -8.40 19.33 -2.99
N GLY B 339 -9.02 19.16 -1.83
CA GLY B 339 -8.48 18.28 -0.79
C GLY B 339 -8.28 16.84 -1.25
N ARG B 340 -9.29 16.27 -1.92
CA ARG B 340 -9.29 14.85 -2.27
C ARG B 340 -8.36 14.43 -3.39
N ARG B 341 -8.18 15.27 -4.41
CA ARG B 341 -7.36 14.90 -5.56
C ARG B 341 -5.86 14.77 -5.24
N GLU B 342 -5.43 15.40 -4.16
CA GLU B 342 -4.05 15.25 -3.65
C GLU B 342 -3.82 13.90 -2.96
N LEU B 343 -4.90 13.23 -2.56
CA LEU B 343 -4.80 11.84 -2.11
C LEU B 343 -4.41 10.88 -3.25
N VAL B 344 -4.49 11.34 -4.50
CA VAL B 344 -3.95 10.61 -5.66
C VAL B 344 -2.41 10.63 -5.60
N GLY B 345 -1.84 9.57 -5.04
CA GLY B 345 -0.39 9.44 -4.87
C GLY B 345 0.28 8.85 -6.10
N ASP B 346 1.60 8.65 -6.00
CA ASP B 346 2.38 8.02 -7.08
C ASP B 346 2.08 6.53 -7.19
N LYS B 347 1.65 5.94 -6.08
CA LYS B 347 1.34 4.52 -5.97
C LYS B 347 -0.17 4.24 -5.93
N ALA B 348 -0.53 3.03 -6.32
CA ALA B 348 -1.90 2.56 -6.22
C ALA B 348 -2.26 2.39 -4.75
N SER B 349 -3.44 2.89 -4.38
CA SER B 349 -3.97 2.65 -3.04
C SER B 349 -4.58 1.25 -2.98
N HIS B 350 -4.36 0.57 -1.87
CA HIS B 350 -5.07 -0.67 -1.53
C HIS B 350 -6.10 -0.45 -0.43
N GLU B 351 -6.26 0.80 -0.01
CA GLU B 351 -7.13 1.17 1.09
C GLU B 351 -8.43 1.78 0.58
N LEU B 352 -9.47 1.61 1.39
CA LEU B 352 -10.74 2.27 1.16
C LEU B 352 -10.72 3.55 1.99
N ARG B 353 -10.76 4.71 1.33
CA ARG B 353 -10.66 5.99 2.06
C ARG B 353 -11.81 6.93 1.71
N PRO B 354 -12.92 6.82 2.47
CA PRO B 354 -14.00 7.77 2.29
C PRO B 354 -13.63 9.09 2.94
N GLY B 355 -14.06 10.17 2.32
CA GLY B 355 -13.75 11.50 2.81
C GLY B 355 -14.75 11.98 3.83
N SER B 356 -14.61 13.26 4.13
CA SER B 356 -15.29 13.90 5.24
C SER B 356 -15.98 15.18 4.75
N PRO B 357 -17.05 15.03 3.91
CA PRO B 357 -17.82 16.17 3.43
C PRO B 357 -18.36 17.06 4.57
N GLY B 358 -17.91 18.32 4.56
CA GLY B 358 -18.33 19.32 5.56
C GLY B 358 -18.07 18.92 7.00
N GLY B 359 -16.99 18.17 7.22
CA GLY B 359 -16.62 17.68 8.54
C GLY B 359 -17.40 16.48 9.10
N ARG B 360 -18.39 15.98 8.37
CA ARG B 360 -19.13 14.78 8.79
C ARG B 360 -18.18 13.61 8.76
N THR B 361 -18.22 12.76 9.79
CA THR B 361 -17.28 11.64 9.86
C THR B 361 -17.93 10.47 9.15
N ALA B 362 -17.13 9.74 8.38
CA ALA B 362 -17.61 8.64 7.57
C ALA B 362 -17.83 7.41 8.45
N ARG B 363 -19.02 6.81 8.32
CA ARG B 363 -19.39 5.62 9.08
C ARG B 363 -19.70 4.52 8.07
N LEU B 364 -18.87 3.48 8.05
CA LEU B 364 -18.98 2.38 7.09
C LEU B 364 -19.66 1.17 7.70
N SER B 365 -20.07 0.24 6.85
CA SER B 365 -20.69 -1.01 7.32
C SER B 365 -19.63 -1.87 8.00
N ALA B 366 -20.04 -2.61 9.03
CA ALA B 366 -19.13 -3.52 9.74
C ALA B 366 -18.54 -4.53 8.76
N HIS B 367 -19.40 -5.11 7.92
CA HIS B 367 -18.97 -6.00 6.83
C HIS B 367 -18.02 -5.33 5.81
N ALA B 368 -18.20 -4.04 5.53
CA ALA B 368 -17.32 -3.29 4.61
C ALA B 368 -15.90 -3.09 5.15
N ASP B 369 -15.80 -2.92 6.47
CA ASP B 369 -14.52 -2.84 7.18
C ASP B 369 -13.82 -4.18 7.20
N LEU B 370 -14.58 -5.22 7.46
CA LEU B 370 -14.07 -6.58 7.45
C LEU B 370 -13.44 -6.93 6.10
N VAL B 371 -14.21 -6.60 5.08
CA VAL B 371 -13.90 -6.86 3.69
C VAL B 371 -12.72 -5.98 3.20
N ALA B 372 -12.58 -4.79 3.79
CA ALA B 372 -11.50 -3.85 3.44
C ALA B 372 -10.20 -4.12 4.22
N THR B 373 -9.21 -4.71 3.56
CA THR B 373 -7.98 -5.18 4.18
C THR B 373 -6.81 -5.23 3.19
N ASP B 410 -19.95 -14.76 -12.62
CA ASP B 410 -21.20 -14.42 -13.31
C ASP B 410 -22.41 -14.98 -12.55
N VAL B 411 -22.58 -16.31 -12.59
CA VAL B 411 -23.69 -16.99 -11.90
C VAL B 411 -23.16 -18.24 -11.18
N ALA B 412 -23.58 -18.42 -9.93
CA ALA B 412 -23.31 -19.63 -9.15
C ALA B 412 -24.53 -20.56 -9.18
N ALA B 413 -24.34 -21.82 -8.79
CA ALA B 413 -25.45 -22.79 -8.63
C ALA B 413 -26.50 -22.31 -7.62
N ASP B 414 -26.01 -21.56 -6.62
CA ASP B 414 -26.82 -20.71 -5.74
C ASP B 414 -27.92 -19.91 -6.44
N GLY B 415 -27.54 -19.29 -7.56
CA GLY B 415 -28.31 -18.23 -8.21
C GLY B 415 -27.75 -16.85 -7.88
N SER B 416 -26.70 -16.81 -7.06
CA SER B 416 -26.03 -15.57 -6.68
C SER B 416 -25.24 -15.07 -7.87
N THR B 417 -25.46 -13.79 -8.20
CA THR B 417 -24.94 -13.20 -9.42
C THR B 417 -24.34 -11.82 -9.17
N ARG B 418 -23.35 -11.49 -9.99
CA ARG B 418 -22.84 -10.12 -10.14
C ARG B 418 -23.31 -9.50 -11.46
N GLY B 419 -23.48 -10.33 -12.49
CA GLY B 419 -23.91 -9.90 -13.84
C GLY B 419 -25.26 -9.22 -13.78
N ASP B 420 -25.36 -8.07 -14.43
CA ASP B 420 -26.38 -7.09 -14.07
C ASP B 420 -26.76 -6.14 -15.19
N ALA B 421 -28.04 -6.22 -15.57
CA ALA B 421 -28.76 -5.21 -16.35
C ALA B 421 -28.69 -5.29 -17.88
N CYS B 422 -29.55 -4.48 -18.48
CA CYS B 422 -29.57 -4.17 -19.88
C CYS B 422 -29.50 -2.67 -20.02
N HIS B 423 -29.33 -2.21 -21.25
CA HIS B 423 -29.40 -0.79 -21.55
C HIS B 423 -30.01 -0.50 -22.92
N LEU B 424 -30.62 0.67 -23.04
CA LEU B 424 -31.33 1.07 -24.22
C LEU B 424 -31.31 2.60 -24.28
N ASP B 425 -30.81 3.14 -25.41
CA ASP B 425 -30.88 4.57 -25.72
C ASP B 425 -31.65 4.81 -27.00
N VAL B 426 -32.35 5.94 -27.06
CA VAL B 426 -33.03 6.37 -28.28
C VAL B 426 -32.99 7.89 -28.43
N VAL B 427 -32.78 8.35 -29.66
CA VAL B 427 -32.98 9.74 -30.06
C VAL B 427 -33.86 9.73 -31.32
N ASP B 428 -34.84 10.63 -31.39
CA ASP B 428 -35.79 10.65 -32.52
C ASP B 428 -35.66 11.90 -33.43
N ARG B 429 -36.48 11.95 -34.49
CA ARG B 429 -36.44 13.00 -35.50
C ARG B 429 -36.77 14.41 -34.98
N TRP B 430 -37.42 14.49 -33.82
CA TRP B 430 -37.68 15.76 -33.12
C TRP B 430 -36.57 16.22 -32.17
N GLY B 431 -35.63 15.33 -31.85
CA GLY B 431 -34.60 15.62 -30.87
C GLY B 431 -34.81 15.10 -29.46
N ASN B 432 -35.89 14.37 -29.21
CA ASN B 432 -36.12 13.75 -27.90
C ASN B 432 -35.07 12.65 -27.69
N MET B 433 -34.47 12.61 -26.51
CA MET B 433 -33.51 11.56 -26.15
C MET B 433 -33.97 10.84 -24.89
N VAL B 434 -33.70 9.53 -24.84
CA VAL B 434 -33.92 8.68 -23.65
C VAL B 434 -32.69 7.83 -23.42
N ALA B 435 -32.44 7.52 -22.16
CA ALA B 435 -31.43 6.53 -21.77
C ALA B 435 -31.97 5.78 -20.57
N ALA B 436 -31.96 4.45 -20.63
CA ALA B 436 -32.49 3.63 -19.52
C ALA B 436 -31.64 2.41 -19.31
N THR B 437 -31.39 2.05 -18.04
CA THR B 437 -30.70 0.79 -17.72
C THR B 437 -31.61 -0.09 -16.85
N PRO B 438 -32.52 -0.85 -17.51
CA PRO B 438 -33.40 -1.79 -16.82
C PRO B 438 -32.70 -3.08 -16.42
N SER B 439 -33.11 -3.62 -15.27
CA SER B 439 -32.43 -4.75 -14.68
C SER B 439 -33.33 -5.45 -13.69
N GLY B 440 -32.81 -6.57 -13.17
CA GLY B 440 -33.46 -7.29 -12.08
C GLY B 440 -34.65 -8.11 -12.53
N GLY B 441 -35.05 -9.04 -11.68
CA GLY B 441 -36.12 -9.97 -11.97
C GLY B 441 -35.66 -10.99 -13.01
N TRP B 442 -34.36 -11.26 -12.99
CA TRP B 442 -33.74 -12.21 -13.90
C TRP B 442 -33.97 -13.65 -13.44
N LEU B 443 -33.72 -14.59 -14.35
CA LEU B 443 -34.16 -15.99 -14.15
C LEU B 443 -33.38 -16.78 -13.09
N GLN B 444 -32.15 -16.38 -12.78
CA GLN B 444 -31.23 -17.20 -11.97
C GLN B 444 -31.48 -17.13 -10.48
N SER B 445 -32.23 -16.13 -10.03
CA SER B 445 -32.17 -15.70 -8.63
C SER B 445 -33.50 -15.64 -7.88
N ASN B 446 -34.59 -16.01 -8.55
CA ASN B 446 -35.87 -16.21 -7.89
C ASN B 446 -36.72 -17.19 -8.70
N PRO B 447 -37.60 -17.95 -8.02
CA PRO B 447 -38.48 -18.85 -8.76
C PRO B 447 -39.53 -18.10 -9.56
N VAL B 448 -39.81 -18.61 -10.75
CA VAL B 448 -40.83 -18.04 -11.63
C VAL B 448 -42.18 -17.98 -10.93
N VAL B 449 -42.84 -16.84 -11.03
CA VAL B 449 -44.19 -16.69 -10.53
C VAL B 449 -45.06 -17.42 -11.55
N PRO B 450 -45.58 -18.61 -11.17
CA PRO B 450 -46.14 -19.56 -12.15
C PRO B 450 -47.26 -19.02 -13.05
N GLU B 451 -48.11 -18.13 -12.52
CA GLU B 451 -49.23 -17.58 -13.31
C GLU B 451 -48.83 -16.36 -14.19
N LEU B 452 -47.55 -15.97 -14.13
CA LEU B 452 -47.02 -14.84 -14.90
C LEU B 452 -45.88 -15.17 -15.89
N GLY B 453 -44.97 -16.04 -15.47
CA GLY B 453 -43.88 -16.48 -16.35
C GLY B 453 -42.54 -15.80 -16.07
N PHE B 454 -42.50 -14.98 -15.02
CA PHE B 454 -41.26 -14.33 -14.60
C PHE B 454 -41.15 -14.29 -13.07
N PRO B 455 -39.92 -14.14 -12.54
CA PRO B 455 -39.70 -14.09 -11.11
C PRO B 455 -39.63 -12.67 -10.55
N LEU B 456 -39.69 -12.57 -9.22
CA LEU B 456 -39.38 -11.35 -8.49
C LEU B 456 -37.87 -11.02 -8.53
N GLY B 457 -37.55 -9.77 -8.23
CA GLY B 457 -36.17 -9.29 -8.27
C GLY B 457 -35.38 -9.59 -7.01
N THR B 458 -34.19 -8.99 -6.91
CA THR B 458 -33.25 -9.24 -5.82
C THR B 458 -32.41 -8.02 -5.39
N ARG B 459 -32.94 -6.80 -5.60
CA ARG B 459 -32.17 -5.57 -5.39
C ARG B 459 -31.94 -5.19 -3.92
N LEU B 460 -32.76 -5.70 -3.01
CA LEU B 460 -32.49 -5.51 -1.57
C LEU B 460 -31.17 -6.14 -1.12
N GLN B 461 -30.59 -7.01 -1.95
CA GLN B 461 -29.25 -7.56 -1.68
C GLN B 461 -28.15 -6.50 -1.52
N MET B 462 -28.39 -5.31 -2.06
CA MET B 462 -27.45 -4.18 -2.00
C MET B 462 -27.53 -3.28 -0.77
N THR B 463 -28.52 -3.48 0.08
CA THR B 463 -28.62 -2.76 1.35
C THR B 463 -27.78 -3.46 2.40
N TRP B 464 -27.67 -2.85 3.58
CA TRP B 464 -26.94 -3.45 4.70
C TRP B 464 -27.86 -3.89 5.82
N LEU B 465 -27.57 -5.05 6.40
CA LEU B 465 -28.23 -5.52 7.62
C LEU B 465 -27.53 -4.94 8.83
N GLU B 466 -27.71 -3.64 8.99
CA GLU B 466 -27.08 -2.87 10.04
C GLU B 466 -27.76 -1.53 10.07
N GLU B 467 -28.01 -1.04 11.26
CA GLU B 467 -28.71 0.23 11.42
C GLU B 467 -27.76 1.41 11.41
N GLY B 468 -28.34 2.58 11.18
CA GLY B 468 -27.63 3.85 11.25
C GLY B 468 -26.80 4.26 10.05
N LEU B 469 -26.98 3.61 8.90
CA LEU B 469 -26.23 3.96 7.68
C LEU B 469 -27.17 4.48 6.61
N PRO B 470 -26.63 5.24 5.63
CA PRO B 470 -27.49 5.76 4.54
C PRO B 470 -28.07 4.69 3.62
N ASN B 471 -27.41 3.53 3.53
CA ASN B 471 -27.90 2.35 2.80
C ASN B 471 -28.29 1.17 3.71
N SER B 472 -28.73 1.49 4.94
CA SER B 472 -29.35 0.51 5.82
C SER B 472 -30.64 0.05 5.15
N LEU B 473 -30.85 -1.27 5.12
CA LEU B 473 -32.13 -1.83 4.72
C LEU B 473 -33.22 -1.15 5.54
N THR B 474 -34.08 -0.39 4.88
CA THR B 474 -35.08 0.43 5.55
C THR B 474 -36.40 0.30 4.81
N PRO B 475 -37.51 0.01 5.53
CA PRO B 475 -38.87 0.08 5.01
C PRO B 475 -39.19 1.36 4.27
N GLY B 476 -39.86 1.23 3.12
CA GLY B 476 -40.25 2.37 2.27
C GLY B 476 -39.13 3.11 1.57
N ARG B 477 -37.93 2.52 1.57
CA ARG B 477 -36.71 3.14 1.03
C ARG B 477 -36.12 2.26 -0.06
N ARG B 478 -35.64 2.87 -1.13
CA ARG B 478 -34.99 2.09 -2.18
C ARG B 478 -33.58 1.67 -1.79
N PRO B 479 -33.15 0.48 -2.23
CA PRO B 479 -31.75 0.07 -2.02
C PRO B 479 -30.84 0.94 -2.87
N ARG B 480 -29.57 1.08 -2.49
CA ARG B 480 -28.66 1.82 -3.35
C ARG B 480 -28.35 0.97 -4.58
N THR B 481 -28.76 1.46 -5.74
CA THR B 481 -28.85 0.64 -6.94
C THR B 481 -27.71 0.92 -7.94
N THR B 482 -27.17 -0.14 -8.52
CA THR B 482 -26.11 -0.03 -9.55
C THR B 482 -26.55 0.59 -10.90
N LEU B 483 -27.86 0.69 -11.12
CA LEU B 483 -28.42 1.12 -12.40
C LEU B 483 -28.26 2.63 -12.57
N THR B 484 -27.63 3.03 -13.66
CA THR B 484 -27.16 4.39 -13.80
C THR B 484 -26.99 4.82 -15.27
N PRO B 485 -28.10 5.18 -15.94
CA PRO B 485 -27.97 5.72 -17.29
C PRO B 485 -27.39 7.13 -17.27
N SER B 486 -26.98 7.63 -18.43
CA SER B 486 -26.38 8.97 -18.56
C SER B 486 -26.97 9.74 -19.72
N ILE B 487 -27.08 11.06 -19.54
CA ILE B 487 -27.28 12.01 -20.64
C ILE B 487 -26.26 13.12 -20.45
N ALA B 488 -25.51 13.42 -21.51
CA ALA B 488 -24.53 14.52 -21.48
C ALA B 488 -25.05 15.73 -22.24
N LEU B 489 -24.81 16.92 -21.70
CA LEU B 489 -25.11 18.19 -22.37
C LEU B 489 -23.81 18.78 -22.85
N ARG B 490 -23.88 19.53 -23.95
CA ARG B 490 -22.77 20.36 -24.41
C ARG B 490 -23.29 21.78 -24.45
N ASP B 491 -22.68 22.66 -23.64
CA ASP B 491 -23.10 24.06 -23.54
C ASP B 491 -24.58 24.15 -23.09
N GLY B 492 -24.98 23.27 -22.18
CA GLY B 492 -26.36 23.20 -21.70
C GLY B 492 -27.39 22.57 -22.61
N ILE B 493 -26.98 22.05 -23.77
CA ILE B 493 -27.88 21.42 -24.73
C ILE B 493 -27.67 19.89 -24.76
N PRO B 494 -28.75 19.08 -24.64
CA PRO B 494 -28.67 17.62 -24.71
C PRO B 494 -28.04 17.15 -26.02
N VAL B 495 -27.00 16.33 -25.90
CA VAL B 495 -26.15 15.97 -27.02
C VAL B 495 -25.94 14.45 -27.18
N MET B 496 -25.91 13.70 -26.06
CA MET B 496 -25.55 12.30 -26.07
C MET B 496 -26.28 11.57 -24.94
N ALA B 497 -26.87 10.43 -25.28
CA ALA B 497 -27.56 9.57 -24.33
C ALA B 497 -26.91 8.23 -24.40
N PHE B 498 -26.46 7.74 -23.26
CA PHE B 498 -25.56 6.58 -23.22
C PHE B 498 -25.68 5.83 -21.90
N GLY B 499 -25.10 4.64 -21.89
CA GLY B 499 -25.06 3.80 -20.71
C GLY B 499 -24.52 2.41 -21.00
N THR B 500 -24.37 1.63 -19.94
CA THR B 500 -23.94 0.24 -20.03
C THR B 500 -24.48 -0.53 -18.83
N PRO B 501 -24.79 -1.82 -19.01
CA PRO B 501 -24.98 -2.67 -17.85
C PRO B 501 -23.63 -3.09 -17.24
N GLY B 502 -23.72 -3.83 -16.15
CA GLY B 502 -22.54 -4.44 -15.49
C GLY B 502 -22.21 -4.04 -14.06
N GLY B 503 -23.24 -3.87 -13.23
CA GLY B 503 -23.07 -3.72 -11.79
C GLY B 503 -22.22 -2.54 -11.35
N ASP B 504 -21.15 -2.85 -10.60
CA ASP B 504 -20.22 -1.84 -10.10
C ASP B 504 -19.25 -1.30 -11.16
N GLN B 505 -19.25 -1.91 -12.34
CA GLN B 505 -18.49 -1.39 -13.46
C GLN B 505 -19.25 -0.33 -14.28
N GLN B 506 -20.55 -0.21 -14.06
CA GLN B 506 -21.42 0.70 -14.82
C GLN B 506 -20.89 2.14 -14.93
N ASP B 507 -20.60 2.80 -13.81
CA ASP B 507 -20.06 4.18 -13.84
C ASP B 507 -18.54 4.26 -13.83
N GLN B 508 -17.88 3.12 -13.99
CA GLN B 508 -16.46 3.09 -14.34
C GLN B 508 -16.35 3.08 -15.85
N TRP B 509 -17.05 2.17 -16.50
CA TRP B 509 -17.01 2.08 -17.96
C TRP B 509 -17.55 3.34 -18.66
N GLN B 510 -18.61 3.92 -18.13
CA GLN B 510 -19.17 5.15 -18.70
C GLN B 510 -18.27 6.34 -18.51
N LEU B 511 -17.52 6.36 -17.40
CA LEU B 511 -16.56 7.43 -17.15
C LEU B 511 -15.46 7.42 -18.20
N HIS B 512 -14.89 6.24 -18.44
CA HIS B 512 -13.81 6.11 -19.46
C HIS B 512 -14.34 6.38 -20.87
N PHE B 513 -15.57 5.94 -21.13
CA PHE B 513 -16.23 6.18 -22.41
C PHE B 513 -16.49 7.65 -22.67
N PHE B 514 -17.19 8.30 -21.73
CA PHE B 514 -17.53 9.72 -21.85
C PHE B 514 -16.27 10.58 -22.06
N LEU B 515 -15.24 10.33 -21.26
CA LEU B 515 -13.98 11.08 -21.40
C LEU B 515 -13.33 10.87 -22.77
N ALA B 516 -13.38 9.64 -23.26
CA ALA B 516 -12.89 9.33 -24.59
C ALA B 516 -13.69 10.06 -25.67
N VAL B 517 -15.01 10.17 -25.51
CA VAL B 517 -15.82 10.94 -26.46
C VAL B 517 -15.39 12.42 -26.52
N ALA B 518 -15.08 13.00 -25.37
CA ALA B 518 -14.70 14.42 -25.28
C ALA B 518 -13.25 14.69 -25.71
N LEU B 519 -12.39 13.69 -25.53
CA LEU B 519 -10.96 13.84 -25.84
C LEU B 519 -10.54 13.29 -27.18
N ARG B 520 -11.33 12.37 -27.76
CA ARG B 520 -10.99 11.78 -29.07
C ARG B 520 -11.32 12.73 -30.22
N ALA B 521 -10.53 12.63 -31.29
CA ALA B 521 -10.82 13.27 -32.57
C ALA B 521 -12.17 12.84 -33.11
N ARG B 522 -12.95 13.81 -33.59
CA ARG B 522 -14.19 13.50 -34.27
C ARG B 522 -13.93 12.69 -35.54
N VAL B 523 -14.91 11.86 -35.88
CA VAL B 523 -14.85 10.97 -37.02
C VAL B 523 -16.07 11.34 -37.86
N ARG B 524 -15.84 11.57 -39.15
CA ARG B 524 -16.90 11.98 -40.09
C ARG B 524 -17.64 13.23 -39.61
N GLY B 525 -16.90 14.23 -39.14
CA GLY B 525 -17.48 15.45 -38.55
C GLY B 525 -18.45 15.23 -37.38
N GLY B 526 -18.28 14.13 -36.64
CA GLY B 526 -19.17 13.78 -35.52
C GLY B 526 -18.44 13.12 -34.36
N LEU B 527 -19.06 13.14 -33.19
CA LEU B 527 -18.52 12.49 -32.00
C LEU B 527 -18.11 11.05 -32.32
N ASP B 528 -16.93 10.67 -31.85
CA ASP B 528 -16.36 9.36 -32.16
C ASP B 528 -16.94 8.34 -31.17
N LEU B 529 -18.23 8.03 -31.35
CA LEU B 529 -18.96 7.17 -30.44
C LEU B 529 -18.46 5.73 -30.50
N GLN B 530 -18.30 5.18 -31.70
CA GLN B 530 -17.88 3.79 -31.84
C GLN B 530 -16.42 3.58 -31.50
N GLY B 531 -15.57 4.55 -31.80
CA GLY B 531 -14.15 4.46 -31.46
C GLY B 531 -13.92 4.46 -29.95
N ALA B 532 -14.75 5.22 -29.24
CA ALA B 532 -14.72 5.27 -27.78
C ALA B 532 -15.25 3.97 -27.13
N ILE B 533 -16.16 3.30 -27.82
CA ILE B 533 -16.70 2.01 -27.36
C ILE B 533 -15.71 0.88 -27.64
N ASP B 534 -15.15 0.86 -28.84
CA ASP B 534 -14.07 -0.07 -29.21
C ASP B 534 -12.80 0.08 -28.35
N ALA B 535 -12.51 1.30 -27.87
CA ALA B 535 -11.30 1.54 -27.07
C ALA B 535 -11.13 0.52 -25.94
N PRO B 536 -9.88 0.07 -25.70
CA PRO B 536 -9.61 -0.74 -24.52
C PRO B 536 -10.17 -0.05 -23.29
N ASN B 537 -11.03 -0.76 -22.57
CA ASN B 537 -11.63 -0.27 -21.35
C ASN B 537 -11.08 -1.09 -20.19
N TRP B 538 -11.33 -0.63 -18.97
CA TRP B 538 -10.83 -1.27 -17.75
C TRP B 538 -11.81 -1.04 -16.60
N HIS B 539 -11.56 -1.71 -15.47
CA HIS B 539 -12.28 -1.46 -14.21
C HIS B 539 -11.46 -1.91 -13.00
N ASN B 540 -11.78 -1.36 -11.83
CA ASN B 540 -11.21 -1.86 -10.57
C ASN B 540 -12.29 -2.50 -9.66
N ASP B 541 -11.84 -3.36 -8.74
CA ASP B 541 -12.72 -4.01 -7.74
C ASP B 541 -12.35 -3.65 -6.29
N SER B 542 -11.71 -2.50 -6.10
CA SER B 542 -11.14 -2.13 -4.79
C SER B 542 -12.15 -1.41 -3.87
N PHE B 543 -13.28 -2.07 -3.64
CA PHE B 543 -14.36 -1.57 -2.78
C PHE B 543 -15.32 -2.73 -2.50
N PRO B 544 -16.21 -2.62 -1.51
CA PRO B 544 -17.19 -3.69 -1.30
C PRO B 544 -18.18 -3.67 -2.45
N GLY B 545 -18.41 -4.82 -3.08
CA GLY B 545 -19.30 -4.86 -4.24
C GLY B 545 -20.76 -4.75 -3.82
N SER B 546 -21.62 -4.28 -4.72
CA SER B 546 -23.04 -4.17 -4.42
C SER B 546 -23.74 -5.52 -4.26
N PHE B 547 -23.24 -6.56 -4.93
CA PHE B 547 -23.92 -7.85 -4.95
C PHE B 547 -23.42 -8.82 -3.91
N TYR B 548 -24.35 -9.60 -3.38
CA TYR B 548 -24.08 -10.63 -2.43
C TYR B 548 -23.06 -11.58 -3.05
N PRO B 549 -21.96 -11.93 -2.37
CA PRO B 549 -21.70 -11.73 -0.93
C PRO B 549 -20.86 -10.51 -0.53
N ARG B 550 -20.69 -9.55 -1.44
CA ARG B 550 -20.15 -8.20 -1.10
C ARG B 550 -18.71 -8.13 -0.57
N GLY B 551 -17.84 -8.96 -1.17
CA GLY B 551 -16.40 -8.93 -0.94
C GLY B 551 -15.69 -7.86 -1.76
N MET B 552 -14.38 -7.76 -1.58
CA MET B 552 -13.55 -6.86 -2.39
C MET B 552 -12.15 -7.39 -2.59
N ARG B 553 -11.47 -6.75 -3.53
CA ARG B 553 -10.12 -7.09 -3.90
C ARG B 553 -9.30 -5.82 -3.77
N PRO B 554 -8.65 -5.65 -2.62
CA PRO B 554 -7.80 -4.47 -2.47
C PRO B 554 -6.78 -4.36 -3.60
N GLY B 555 -6.82 -3.24 -4.31
CA GLY B 555 -5.87 -2.97 -5.38
C GLY B 555 -6.00 -3.70 -6.72
N SER B 556 -7.04 -4.51 -6.92
CA SER B 556 -7.17 -5.21 -8.21
C SER B 556 -7.82 -4.34 -9.29
N VAL B 557 -7.14 -4.24 -10.44
CA VAL B 557 -7.61 -3.54 -11.65
C VAL B 557 -7.56 -4.53 -12.80
N THR B 558 -8.63 -4.58 -13.58
CA THR B 558 -8.71 -5.50 -14.72
C THR B 558 -8.68 -4.72 -16.02
N VAL B 559 -7.72 -5.07 -16.89
CA VAL B 559 -7.56 -4.46 -18.21
C VAL B 559 -7.78 -5.47 -19.34
N GLU B 560 -8.25 -4.98 -20.49
CA GLU B 560 -8.43 -5.82 -21.68
C GLU B 560 -7.08 -6.16 -22.27
N ALA B 561 -6.99 -7.33 -22.89
CA ALA B 561 -5.74 -7.81 -23.49
C ALA B 561 -5.21 -6.91 -24.60
N ARG B 562 -6.09 -6.15 -25.26
CA ARG B 562 -5.68 -5.26 -26.38
C ARG B 562 -5.21 -3.89 -25.93
N MET B 563 -5.35 -3.59 -24.63
CA MET B 563 -4.68 -2.42 -24.06
C MET B 563 -3.17 -2.61 -24.18
N ASP B 564 -2.47 -1.55 -24.59
CA ASP B 564 -1.00 -1.56 -24.71
C ASP B 564 -0.40 -2.19 -23.45
N PRO B 565 0.44 -3.24 -23.61
CA PRO B 565 0.96 -3.92 -22.42
C PRO B 565 2.01 -3.12 -21.64
N GLY B 566 2.57 -2.09 -22.25
CA GLY B 566 3.39 -1.09 -21.56
C GLY B 566 2.66 -0.27 -20.51
N ILE B 567 1.32 -0.19 -20.64
CA ILE B 567 0.46 0.40 -19.62
C ILE B 567 0.26 -0.58 -18.46
N ALA B 568 -0.09 -1.84 -18.77
CA ALA B 568 -0.13 -2.90 -17.76
C ALA B 568 1.19 -3.00 -16.99
N ALA B 569 2.31 -2.74 -17.68
CA ALA B 569 3.63 -2.65 -17.05
C ALA B 569 3.73 -1.46 -16.08
N GLU B 570 3.42 -0.27 -16.56
CA GLU B 570 3.42 0.95 -15.74
C GLU B 570 2.55 0.81 -14.49
N LEU B 571 1.39 0.16 -14.61
CA LEU B 571 0.47 -0.01 -13.47
C LEU B 571 0.99 -0.98 -12.38
N ARG B 572 1.58 -2.10 -12.79
CA ARG B 572 2.21 -3.06 -11.86
C ARG B 572 3.28 -2.41 -11.02
N ARG B 573 4.14 -1.69 -11.72
CA ARG B 573 5.24 -0.90 -11.19
C ARG B 573 4.80 0.06 -10.08
N ARG B 574 3.65 0.70 -10.31
CA ARG B 574 3.03 1.63 -9.36
C ARG B 574 2.18 0.93 -8.30
N GLY B 575 2.11 -0.40 -8.37
CA GLY B 575 1.58 -1.23 -7.29
C GLY B 575 0.13 -1.68 -7.44
N HIS B 576 -0.42 -1.58 -8.64
CA HIS B 576 -1.74 -2.17 -8.91
C HIS B 576 -1.56 -3.67 -9.05
N GLU B 577 -2.37 -4.47 -8.36
CA GLU B 577 -2.46 -5.90 -8.64
C GLU B 577 -3.31 -6.07 -9.92
N VAL B 578 -2.62 -6.11 -11.07
CA VAL B 578 -3.26 -6.08 -12.38
C VAL B 578 -3.60 -7.49 -12.85
N THR B 579 -4.86 -7.68 -13.22
CA THR B 579 -5.32 -8.93 -13.84
C THR B 579 -5.67 -8.61 -15.30
N VAL B 580 -5.11 -9.35 -16.25
CA VAL B 580 -5.32 -9.09 -17.69
C VAL B 580 -6.46 -9.93 -18.22
N GLY B 581 -7.61 -9.29 -18.43
CA GLY B 581 -8.79 -9.97 -18.95
C GLY B 581 -8.70 -10.13 -20.46
N PRO B 582 -9.66 -10.88 -21.06
CA PRO B 582 -9.68 -11.12 -22.52
C PRO B 582 -9.77 -9.85 -23.39
N PRO B 583 -9.37 -9.93 -24.67
CA PRO B 583 -9.24 -8.75 -25.53
C PRO B 583 -10.53 -7.95 -25.70
N TRP B 584 -11.65 -8.65 -25.77
CA TRP B 584 -12.98 -8.04 -25.95
C TRP B 584 -13.93 -8.48 -24.83
N SER B 585 -13.67 -7.96 -23.62
CA SER B 585 -14.36 -8.42 -22.40
C SER B 585 -14.85 -7.32 -21.45
N GLU B 586 -14.52 -6.06 -21.72
CA GLU B 586 -14.79 -4.95 -20.81
C GLU B 586 -15.76 -3.93 -21.41
N GLY B 587 -16.97 -3.88 -20.87
CA GLY B 587 -17.96 -2.88 -21.23
C GLY B 587 -19.02 -3.37 -22.18
N ARG B 588 -20.27 -3.01 -21.90
CA ARG B 588 -21.39 -3.22 -22.82
C ARG B 588 -22.08 -1.89 -23.12
N LEU B 589 -21.27 -0.93 -23.58
CA LEU B 589 -21.71 0.44 -23.81
C LEU B 589 -22.75 0.59 -24.94
N CYS B 590 -23.66 1.54 -24.74
CA CYS B 590 -24.61 1.98 -25.77
C CYS B 590 -24.57 3.51 -25.78
N ALA B 591 -24.64 4.12 -26.96
CA ALA B 591 -24.77 5.56 -27.05
C ALA B 591 -25.51 5.97 -28.33
N VAL B 592 -26.35 7.00 -28.19
CA VAL B 592 -26.87 7.75 -29.33
C VAL B 592 -26.50 9.21 -29.11
N ALA B 593 -26.51 10.00 -30.17
CA ALA B 593 -26.17 11.41 -30.06
C ALA B 593 -26.81 12.25 -31.15
N ARG B 594 -26.70 13.55 -30.97
CA ARG B 594 -27.35 14.53 -31.80
C ARG B 594 -26.42 15.73 -31.90
N ASP B 595 -26.14 16.19 -33.12
CA ASP B 595 -25.46 17.46 -33.32
C ASP B 595 -26.52 18.54 -33.37
N PRO B 596 -26.44 19.55 -32.46
CA PRO B 596 -27.45 20.63 -32.47
C PRO B 596 -27.38 21.58 -33.69
N ARG B 597 -26.16 21.87 -34.15
CA ARG B 597 -25.96 22.65 -35.39
C ARG B 597 -26.77 22.10 -36.58
N THR B 598 -26.52 20.82 -36.87
CA THR B 598 -27.00 20.16 -38.09
C THR B 598 -28.28 19.33 -37.91
N GLY B 599 -28.62 18.99 -36.66
CA GLY B 599 -29.70 18.04 -36.38
C GLY B 599 -29.39 16.60 -36.78
N ILE B 600 -28.14 16.31 -37.14
CA ILE B 600 -27.70 14.97 -37.51
C ILE B 600 -27.62 14.09 -36.27
N LEU B 601 -28.21 12.89 -36.38
CA LEU B 601 -28.29 11.91 -35.30
C LEU B 601 -27.29 10.81 -35.52
N SER B 602 -26.75 10.29 -34.42
CA SER B 602 -25.73 9.25 -34.50
C SER B 602 -25.89 8.19 -33.42
N ALA B 603 -25.34 7.00 -33.68
CA ALA B 603 -25.41 5.88 -32.75
C ALA B 603 -24.20 4.98 -32.89
N ALA B 604 -23.81 4.38 -31.77
CA ALA B 604 -22.80 3.35 -31.73
C ALA B 604 -23.16 2.32 -30.68
N ALA B 605 -22.50 1.18 -30.74
CA ALA B 605 -22.76 0.08 -29.81
C ALA B 605 -21.59 -0.88 -29.68
N ASN B 606 -21.52 -1.49 -28.49
CA ASN B 606 -20.49 -2.45 -28.10
C ASN B 606 -20.50 -3.74 -28.94
N PRO B 607 -19.31 -4.15 -29.44
CA PRO B 607 -19.21 -5.41 -30.17
C PRO B 607 -18.91 -6.64 -29.29
N ARG B 608 -18.47 -6.42 -28.05
CA ARG B 608 -18.06 -7.51 -27.17
C ARG B 608 -19.30 -8.35 -26.84
N GLY B 609 -19.17 -9.67 -26.98
CA GLY B 609 -20.29 -10.61 -26.75
C GLY B 609 -21.25 -10.79 -27.92
N MET B 610 -20.92 -10.18 -29.07
CA MET B 610 -21.80 -10.12 -30.28
C MET B 610 -23.32 -10.12 -30.05
N GLN B 611 -23.78 -9.07 -29.38
CA GLN B 611 -25.16 -8.95 -28.94
C GLN B 611 -25.63 -7.49 -29.05
N GLY B 612 -24.90 -6.59 -28.40
CA GLY B 612 -25.16 -5.16 -28.50
C GLY B 612 -25.17 -4.68 -29.94
N TYR B 613 -26.08 -3.74 -30.24
CA TYR B 613 -26.28 -3.32 -31.61
C TYR B 613 -27.00 -1.98 -31.73
N ALA B 614 -26.49 -1.15 -32.64
CA ALA B 614 -27.10 0.14 -32.97
C ALA B 614 -27.84 0.02 -34.29
N VAL B 615 -29.01 0.66 -34.37
CA VAL B 615 -29.71 0.86 -35.64
C VAL B 615 -30.19 2.28 -35.75
N GLY B 616 -30.42 2.72 -36.98
CA GLY B 616 -30.84 4.06 -37.25
C GLY B 616 -30.65 4.50 -38.68
N ARG B 617 -31.28 5.62 -39.00
CA ARG B 617 -31.09 6.28 -40.28
C ARG B 617 -31.53 7.72 -40.09
#